data_9IUT
#
_entry.id   9IUT
#
_cell.length_a   116.545
_cell.length_b   123.199
_cell.length_c   96.083
_cell.angle_alpha   90.000
_cell.angle_beta   90.000
_cell.angle_gamma   90.000
#
_symmetry.space_group_name_H-M   'C 2 2 21'
#
loop_
_entity.id
_entity.type
_entity.pdbx_description
1 polymer 'H2Mab-250 VH(S112C)-SARAH'
2 polymer 'H2Mab-250 VL-SARAH(S37C)'
3 polymer 'H2Mab-250 epitope peptide'
4 water water
#
loop_
_entity_poly.entity_id
_entity_poly.type
_entity_poly.pdbx_seq_one_letter_code
_entity_poly.pdbx_strand_id
1 'polypeptide(L)'
;GREVQLVESGGGLVQPGGSLKLSCAASGFTFSNYGMSWVRQTPDRRLELVATINNNGGGTYYPDSVKGRFTISRDNAKNT
LYLQMSSLKSEDTAMYYCTSPGLLWDAWGAGTTVTVCSGSDYEFLKSWTVEDLQKRLLALDPMMEQEIEEIRQKYQSKRQ
PILDAIEAK
;
A,D
2 'polypeptide(L)'
;GRDVVMTQTPLTLSVSIGQPASISCKSSQSLLDSDGRTYLNWLLQRPGQSPKRLIYLVSKLDSGAPDRFTGSGSGTDFTL
KISRVEAEDLGVYYCWQGTHFPQTFGGGTKLEIKRGSDYEFLKSWTVEDLQKRLLALDPMMEQEIEEIRQKYQCKRQPIL
DAIEAKGTLLG
;
B,E
3 'polypeptide(L)' MPIWKFPD C,F
#
# COMPACT_ATOMS: atom_id res chain seq x y z
N GLY A 1 24.98 7.21 29.44
CA GLY A 1 26.00 6.96 28.45
C GLY A 1 26.72 8.21 27.98
N ARG A 2 27.81 8.03 27.25
CA ARG A 2 28.55 9.18 26.73
C ARG A 2 27.72 9.92 25.69
N GLU A 3 28.01 11.20 25.55
CA GLU A 3 27.25 12.09 24.67
C GLU A 3 28.03 12.31 23.38
N VAL A 4 27.56 11.68 22.30
CA VAL A 4 28.05 11.94 20.95
C VAL A 4 26.96 12.68 20.19
N GLN A 5 27.37 13.56 19.29
CA GLN A 5 26.40 14.41 18.61
C GLN A 5 26.89 14.80 17.22
N LEU A 6 25.96 14.80 16.27
CA LEU A 6 26.18 15.32 14.93
C LEU A 6 25.09 16.34 14.63
N VAL A 7 25.48 17.45 14.01
CA VAL A 7 24.56 18.56 13.73
C VAL A 7 24.75 18.98 12.28
N GLU A 8 23.73 18.75 11.46
CA GLU A 8 23.77 19.19 10.07
C GLU A 8 23.33 20.64 9.95
N SER A 9 23.85 21.32 8.93
CA SER A 9 23.49 22.70 8.64
C SER A 9 23.79 22.97 7.18
N GLY A 10 23.27 24.10 6.69
CA GLY A 10 23.44 24.49 5.31
C GLY A 10 22.29 24.13 4.39
N GLY A 11 21.27 23.45 4.90
CA GLY A 11 20.13 23.11 4.07
C GLY A 11 19.21 24.30 3.84
N GLY A 12 18.54 24.27 2.69
CA GLY A 12 17.64 25.36 2.34
C GLY A 12 17.22 25.25 0.89
N LEU A 13 16.79 26.38 0.36
CA LEU A 13 16.34 26.43 -1.03
C LEU A 13 17.54 26.50 -1.98
N VAL A 14 17.33 26.00 -3.19
CA VAL A 14 18.35 26.00 -4.22
C VAL A 14 17.66 25.78 -5.56
N GLN A 15 18.14 26.46 -6.59
CA GLN A 15 17.55 26.34 -7.92
C GLN A 15 18.04 25.07 -8.61
N PRO A 16 17.23 24.53 -9.52
CA PRO A 16 17.73 23.43 -10.36
C PRO A 16 18.96 23.86 -11.14
N GLY A 17 19.96 22.98 -11.18
CA GLY A 17 21.26 23.30 -11.73
C GLY A 17 22.16 24.08 -10.79
N GLY A 18 21.67 24.49 -9.63
CA GLY A 18 22.46 25.25 -8.67
C GLY A 18 23.32 24.35 -7.81
N SER A 19 23.92 24.98 -6.80
CA SER A 19 24.87 24.30 -5.92
C SER A 19 24.54 24.61 -4.47
N LEU A 20 24.91 23.69 -3.58
CA LEU A 20 24.65 23.82 -2.16
C LEU A 20 25.68 23.02 -1.39
N LYS A 21 26.18 23.59 -0.30
CA LYS A 21 27.15 22.93 0.57
C LYS A 21 26.50 22.65 1.93
N LEU A 22 26.59 21.41 2.37
CA LEU A 22 26.11 21.00 3.67
C LEU A 22 27.30 20.72 4.60
N SER A 23 27.11 21.00 5.88
CA SER A 23 28.13 20.77 6.89
C SER A 23 27.54 19.97 8.05
N CYS A 24 28.38 19.14 8.66
CA CYS A 24 27.98 18.32 9.80
C CYS A 24 29.05 18.43 10.86
N ALA A 25 28.76 19.12 11.95
CA ALA A 25 29.70 19.28 13.05
C ALA A 25 29.58 18.11 14.02
N ALA A 26 30.70 17.51 14.36
CA ALA A 26 30.76 16.35 15.25
C ALA A 26 31.34 16.76 16.59
N SER A 27 30.78 16.19 17.67
CA SER A 27 31.25 16.49 19.01
C SER A 27 31.02 15.29 19.90
N GLY A 28 31.86 15.15 20.92
CA GLY A 28 31.75 14.10 21.90
C GLY A 28 32.61 12.87 21.64
N PHE A 29 33.24 12.78 20.48
CA PHE A 29 34.09 11.64 20.16
C PHE A 29 35.20 12.10 19.23
N THR A 30 36.24 11.27 19.11
CA THR A 30 37.36 11.57 18.23
C THR A 30 36.90 11.39 16.78
N PHE A 31 36.60 12.52 16.14
CA PHE A 31 36.05 12.51 14.78
C PHE A 31 36.97 11.77 13.80
N SER A 32 38.28 11.98 13.93
CA SER A 32 39.25 11.44 12.97
C SER A 32 39.38 9.93 13.02
N ASN A 33 38.71 9.26 13.97
CA ASN A 33 38.81 7.81 14.08
C ASN A 33 37.82 7.06 13.23
N TYR A 34 36.82 7.75 12.66
CA TYR A 34 35.68 7.08 12.07
C TYR A 34 35.42 7.58 10.66
N GLY A 35 34.93 6.67 9.82
CA GLY A 35 34.32 7.07 8.58
C GLY A 35 32.96 7.71 8.82
N MET A 36 32.50 8.46 7.83
CA MET A 36 31.23 9.17 7.93
C MET A 36 30.44 8.97 6.64
N SER A 37 29.13 9.19 6.73
CA SER A 37 28.25 8.99 5.59
C SER A 37 27.12 10.00 5.62
N TRP A 38 26.67 10.40 4.43
CA TRP A 38 25.48 11.21 4.25
C TRP A 38 24.35 10.31 3.75
N VAL A 39 23.27 10.23 4.50
CA VAL A 39 22.09 9.47 4.13
C VAL A 39 20.94 10.44 3.96
N ARG A 40 20.23 10.35 2.84
CA ARG A 40 19.11 11.23 2.55
C ARG A 40 17.80 10.44 2.51
N GLN A 41 16.73 11.11 2.91
CA GLN A 41 15.39 10.52 2.96
C GLN A 41 14.46 11.36 2.08
N THR A 42 13.99 10.77 0.99
CA THR A 42 13.15 11.44 0.02
C THR A 42 11.73 11.58 0.55
N PRO A 43 10.89 12.40 -0.10
CA PRO A 43 9.50 12.51 0.37
C PRO A 43 8.75 11.19 0.44
N ASP A 44 9.11 10.21 -0.39
CA ASP A 44 8.50 8.89 -0.33
C ASP A 44 9.03 8.04 0.83
N ARG A 45 9.74 8.65 1.78
CA ARG A 45 10.24 8.04 3.01
C ARG A 45 11.35 7.01 2.76
N ARG A 46 11.88 6.92 1.55
CA ARG A 46 12.95 5.98 1.28
C ARG A 46 14.30 6.56 1.69
N LEU A 47 15.16 5.70 2.23
CA LEU A 47 16.50 6.08 2.65
C LEU A 47 17.51 5.68 1.57
N GLU A 48 18.46 6.57 1.32
CA GLU A 48 19.52 6.26 0.35
C GLU A 48 20.81 6.95 0.77
N LEU A 49 21.89 6.17 0.80
CA LEU A 49 23.22 6.72 0.99
C LEU A 49 23.66 7.46 -0.27
N VAL A 50 24.11 8.70 -0.12
CA VAL A 50 24.56 9.50 -1.24
C VAL A 50 26.08 9.68 -1.26
N ALA A 51 26.76 9.50 -0.14
CA ALA A 51 28.19 9.73 -0.07
C ALA A 51 28.73 9.10 1.22
N THR A 52 29.93 8.54 1.13
CA THR A 52 30.60 7.99 2.29
C THR A 52 32.10 8.16 2.12
N ILE A 53 32.79 8.28 3.26
CA ILE A 53 34.21 8.60 3.28
C ILE A 53 34.85 7.86 4.45
N ASN A 54 36.09 7.40 4.26
CA ASN A 54 36.80 6.74 5.35
C ASN A 54 37.36 7.77 6.31
N ASN A 55 38.07 7.29 7.34
CA ASN A 55 38.43 8.17 8.45
C ASN A 55 39.48 9.20 8.07
N ASN A 56 40.41 8.86 7.17
CA ASN A 56 41.44 9.82 6.80
C ASN A 56 41.05 10.69 5.61
N GLY A 57 39.98 10.36 4.90
CA GLY A 57 39.49 11.19 3.82
C GLY A 57 39.98 10.81 2.44
N GLY A 58 40.87 9.83 2.31
CA GLY A 58 41.38 9.45 1.02
C GLY A 58 40.47 8.56 0.21
N GLY A 59 39.56 7.85 0.87
CA GLY A 59 38.65 6.95 0.18
C GLY A 59 37.21 7.40 0.26
N THR A 60 36.58 7.59 -0.89
CA THR A 60 35.20 8.04 -0.96
C THR A 60 34.42 7.14 -1.91
N TYR A 61 33.11 7.09 -1.73
CA TYR A 61 32.23 6.38 -2.65
C TYR A 61 30.94 7.16 -2.83
N TYR A 62 30.39 7.09 -4.05
CA TYR A 62 29.11 7.67 -4.40
C TYR A 62 28.33 6.68 -5.25
N PRO A 63 27.03 6.53 -5.03
CA PRO A 63 26.21 5.69 -5.91
C PRO A 63 25.99 6.37 -7.26
N ASP A 64 25.60 5.55 -8.24
CA ASP A 64 25.47 6.03 -9.62
C ASP A 64 24.40 7.13 -9.73
N SER A 65 23.31 7.00 -8.96
CA SER A 65 22.25 8.01 -8.99
C SER A 65 22.78 9.39 -8.67
N VAL A 66 23.91 9.47 -7.96
CA VAL A 66 24.46 10.73 -7.51
C VAL A 66 25.88 10.98 -8.00
N LYS A 67 26.61 9.93 -8.38
CA LYS A 67 28.03 10.03 -8.71
C LYS A 67 28.28 11.16 -9.71
N GLY A 68 29.35 11.91 -9.47
CA GLY A 68 29.75 13.00 -10.32
C GLY A 68 29.13 14.35 -9.96
N ARG A 69 28.08 14.36 -9.15
CA ARG A 69 27.42 15.59 -8.76
C ARG A 69 27.67 16.01 -7.33
N PHE A 70 27.88 15.07 -6.41
CA PHE A 70 28.17 15.38 -5.03
C PHE A 70 29.63 15.06 -4.74
N THR A 71 30.21 15.78 -3.79
CA THR A 71 31.58 15.55 -3.35
C THR A 71 31.60 15.60 -1.84
N ILE A 72 32.00 14.49 -1.22
CA ILE A 72 32.14 14.42 0.23
C ILE A 72 33.59 14.72 0.60
N SER A 73 33.76 15.45 1.69
CA SER A 73 35.09 15.76 2.20
C SER A 73 34.98 15.97 3.71
N ARG A 74 36.13 16.05 4.37
CA ARG A 74 36.17 16.19 5.81
C ARG A 74 37.38 17.01 6.22
N ASP A 75 37.25 17.71 7.34
CA ASP A 75 38.35 18.44 7.97
C ASP A 75 38.45 17.91 9.39
N ASN A 76 39.40 17.01 9.64
CA ASN A 76 39.46 16.34 10.94
C ASN A 76 39.87 17.30 12.04
N ALA A 77 40.70 18.30 11.74
CA ALA A 77 41.06 19.29 12.74
C ALA A 77 39.86 20.13 13.15
N LYS A 78 38.90 20.34 12.25
CA LYS A 78 37.71 21.12 12.53
C LYS A 78 36.53 20.28 12.98
N ASN A 79 36.70 18.95 13.06
CA ASN A 79 35.64 18.03 13.48
C ASN A 79 34.37 18.22 12.65
N THR A 80 34.55 18.38 11.34
CA THR A 80 33.45 18.73 10.46
C THR A 80 33.48 17.87 9.19
N LEU A 81 32.31 17.40 8.80
CA LEU A 81 32.10 16.70 7.54
C LEU A 81 31.36 17.62 6.58
N TYR A 82 31.65 17.47 5.28
CA TYR A 82 31.08 18.34 4.26
C TYR A 82 30.45 17.50 3.14
N LEU A 83 29.40 18.05 2.53
CA LEU A 83 28.80 17.52 1.32
C LEU A 83 28.56 18.68 0.37
N GLN A 84 29.32 18.73 -0.72
CA GLN A 84 29.16 19.76 -1.74
C GLN A 84 28.31 19.20 -2.86
N MET A 85 27.11 19.74 -3.02
CA MET A 85 26.16 19.33 -4.03
C MET A 85 26.16 20.34 -5.18
N SER A 86 26.17 19.84 -6.41
CA SER A 86 26.16 20.70 -7.59
C SER A 86 25.26 20.08 -8.65
N SER A 87 24.83 20.93 -9.59
CA SER A 87 23.91 20.53 -10.66
C SER A 87 22.68 19.83 -10.10
N LEU A 88 22.03 20.50 -9.15
CA LEU A 88 20.96 19.86 -8.40
C LEU A 88 19.70 19.71 -9.24
N LYS A 89 18.96 18.62 -8.98
CA LYS A 89 17.72 18.32 -9.67
C LYS A 89 16.62 18.11 -8.63
N SER A 90 15.39 18.00 -9.11
CA SER A 90 14.26 17.84 -8.21
C SER A 90 14.31 16.54 -7.43
N GLU A 91 15.04 15.53 -7.92
CA GLU A 91 15.18 14.28 -7.19
C GLU A 91 15.99 14.44 -5.91
N ASP A 92 16.73 15.53 -5.77
CA ASP A 92 17.57 15.77 -4.60
C ASP A 92 16.83 16.44 -3.45
N THR A 93 15.58 16.85 -3.65
CA THR A 93 14.78 17.41 -2.57
C THR A 93 14.53 16.35 -1.51
N ALA A 94 15.12 16.50 -0.33
CA ALA A 94 15.06 15.47 0.69
C ALA A 94 15.60 16.03 2.00
N MET A 95 15.51 15.22 3.05
CA MET A 95 16.18 15.47 4.32
C MET A 95 17.54 14.78 4.29
N TYR A 96 18.58 15.48 4.71
CA TYR A 96 19.95 14.98 4.60
C TYR A 96 20.51 14.72 6.00
N TYR A 97 20.78 13.45 6.29
CA TYR A 97 21.28 13.01 7.58
C TYR A 97 22.78 12.78 7.54
N CYS A 98 23.43 13.07 8.65
CA CYS A 98 24.85 12.80 8.86
C CYS A 98 24.97 11.69 9.90
N THR A 99 25.75 10.65 9.58
CA THR A 99 25.82 9.50 10.46
C THR A 99 27.18 8.83 10.35
N SER A 100 27.55 8.12 11.40
CA SER A 100 28.82 7.40 11.48
C SER A 100 28.55 6.00 12.01
N PRO A 101 28.21 5.06 11.13
CA PRO A 101 27.84 3.71 11.60
C PRO A 101 28.96 2.95 12.29
N GLY A 102 30.21 3.40 12.18
CA GLY A 102 31.30 2.73 12.87
C GLY A 102 31.30 2.95 14.37
N LEU A 103 30.56 3.95 14.85
CA LEU A 103 30.50 4.25 16.28
C LEU A 103 29.60 3.25 17.00
N LEU A 104 30.08 2.76 18.14
CA LEU A 104 29.25 1.86 18.94
C LEU A 104 28.07 2.60 19.57
N TRP A 105 28.24 3.89 19.83
CA TRP A 105 27.14 4.73 20.28
C TRP A 105 26.40 5.27 19.06
N ASP A 106 25.08 5.07 19.04
CA ASP A 106 24.25 5.48 17.91
C ASP A 106 24.45 6.97 17.63
N ALA A 107 24.86 7.27 16.40
CA ALA A 107 25.24 8.63 16.01
C ALA A 107 24.55 9.01 14.71
N TRP A 108 23.43 9.72 14.84
CA TRP A 108 22.77 10.39 13.72
C TRP A 108 22.50 11.82 14.11
N GLY A 109 22.52 12.70 13.12
CA GLY A 109 22.06 14.06 13.33
C GLY A 109 20.57 14.19 13.11
N ALA A 110 20.03 15.34 13.52
CA ALA A 110 18.62 15.60 13.31
C ALA A 110 18.28 15.80 11.84
N GLY A 111 19.28 16.06 11.00
CA GLY A 111 19.06 16.26 9.59
C GLY A 111 18.84 17.72 9.22
N THR A 112 19.12 18.03 7.95
CA THR A 112 18.87 19.35 7.40
C THR A 112 18.11 19.20 6.09
N THR A 113 17.10 20.05 5.91
CA THR A 113 16.17 19.91 4.80
C THR A 113 16.64 20.70 3.60
N VAL A 114 16.66 20.06 2.44
CA VAL A 114 17.00 20.69 1.17
C VAL A 114 15.77 20.70 0.29
N THR A 115 15.47 21.86 -0.30
CA THR A 115 14.29 22.04 -1.13
C THR A 115 14.73 22.64 -2.47
N VAL A 116 14.61 21.86 -3.54
CA VAL A 116 14.95 22.32 -4.88
C VAL A 116 13.72 23.00 -5.48
N CYS A 117 13.87 24.26 -5.85
CA CYS A 117 12.75 25.05 -6.35
C CYS A 117 12.31 24.54 -7.74
N SER A 118 11.26 25.17 -8.27
CA SER A 118 10.64 24.68 -9.51
C SER A 118 11.56 24.83 -10.72
N GLY A 119 12.28 25.94 -10.80
CA GLY A 119 13.02 26.23 -12.01
C GLY A 119 12.16 26.67 -13.17
N SER A 120 10.89 27.00 -12.92
CA SER A 120 9.97 27.42 -13.97
C SER A 120 10.31 28.82 -14.46
N ASP A 121 9.80 29.15 -15.64
CA ASP A 121 10.12 30.42 -16.29
C ASP A 121 9.35 31.56 -15.65
N TYR A 122 10.06 32.64 -15.31
CA TYR A 122 9.47 33.83 -14.71
C TYR A 122 9.88 35.08 -15.47
N GLU A 123 10.19 34.95 -16.76
CA GLU A 123 10.64 36.09 -17.55
C GLU A 123 9.55 37.14 -17.74
N PHE A 124 8.29 36.76 -17.60
CA PHE A 124 7.20 37.73 -17.74
C PHE A 124 7.18 38.75 -16.61
N LEU A 125 7.90 38.48 -15.51
CA LEU A 125 7.94 39.39 -14.38
C LEU A 125 8.77 40.64 -14.65
N LYS A 126 9.57 40.66 -15.72
CA LYS A 126 10.47 41.78 -15.95
C LYS A 126 9.75 43.01 -16.47
N SER A 127 8.59 42.85 -17.10
CA SER A 127 7.80 43.98 -17.58
C SER A 127 6.83 44.51 -16.54
N TRP A 128 6.78 43.90 -15.35
CA TRP A 128 5.89 44.35 -14.30
C TRP A 128 6.48 45.56 -13.59
N THR A 129 5.59 46.43 -13.11
CA THR A 129 6.03 47.51 -12.23
C THR A 129 6.41 46.94 -10.87
N VAL A 130 7.22 47.70 -10.13
CA VAL A 130 7.66 47.26 -8.82
C VAL A 130 6.46 47.13 -7.87
N GLU A 131 5.48 48.01 -8.02
CA GLU A 131 4.29 47.95 -7.16
C GLU A 131 3.49 46.67 -7.42
N ASP A 132 3.38 46.26 -8.69
CA ASP A 132 2.66 45.04 -8.99
C ASP A 132 3.44 43.81 -8.52
N LEU A 133 4.77 43.86 -8.62
CA LEU A 133 5.59 42.76 -8.11
C LEU A 133 5.47 42.66 -6.59
N GLN A 134 5.46 43.80 -5.90
CA GLN A 134 5.33 43.78 -4.44
C GLN A 134 3.95 43.32 -4.01
N LYS A 135 2.91 43.62 -4.79
CA LYS A 135 1.59 43.09 -4.49
C LYS A 135 1.57 41.57 -4.65
N ARG A 136 2.21 41.06 -5.69
CA ARG A 136 2.33 39.61 -5.87
C ARG A 136 3.14 38.99 -4.75
N LEU A 137 4.26 39.62 -4.38
CA LEU A 137 5.08 39.14 -3.28
C LEU A 137 4.30 39.08 -1.98
N LEU A 138 3.53 40.14 -1.69
CA LEU A 138 2.81 40.20 -0.43
C LEU A 138 1.67 39.20 -0.37
N ALA A 139 1.12 38.80 -1.52
CA ALA A 139 0.03 37.84 -1.53
C ALA A 139 0.45 36.46 -1.07
N LEU A 140 1.76 36.17 -1.06
CA LEU A 140 2.24 34.89 -0.54
C LEU A 140 2.17 34.81 0.97
N ASP A 141 2.11 35.96 1.66
CA ASP A 141 2.07 35.94 3.12
C ASP A 141 0.78 35.35 3.66
N PRO A 142 -0.42 35.74 3.19
CA PRO A 142 -1.63 35.04 3.66
C PRO A 142 -1.67 33.58 3.29
N MET A 143 -1.05 33.19 2.18
CA MET A 143 -1.01 31.78 1.80
C MET A 143 -0.15 30.98 2.76
N MET A 144 1.05 31.47 3.07
CA MET A 144 1.90 30.79 4.05
C MET A 144 1.26 30.80 5.43
N GLU A 145 0.59 31.91 5.78
CA GLU A 145 -0.08 31.99 7.08
C GLU A 145 -1.13 30.91 7.23
N GLN A 146 -1.88 30.63 6.16
CA GLN A 146 -2.87 29.57 6.22
C GLN A 146 -2.21 28.20 6.36
N GLU A 147 -1.07 28.00 5.70
CA GLU A 147 -0.40 26.71 5.77
C GLU A 147 0.16 26.45 7.16
N ILE A 148 0.73 27.47 7.80
CA ILE A 148 1.22 27.31 9.17
C ILE A 148 0.05 27.09 10.12
N GLU A 149 -1.04 27.85 9.94
CA GLU A 149 -2.23 27.66 10.77
C GLU A 149 -2.78 26.25 10.60
N GLU A 150 -2.71 25.70 9.39
CA GLU A 150 -3.13 24.31 9.18
C GLU A 150 -2.27 23.34 9.97
N ILE A 151 -0.96 23.61 10.05
CA ILE A 151 -0.06 22.73 10.78
C ILE A 151 -0.42 22.71 12.26
N ARG A 152 -0.59 23.89 12.86
CA ARG A 152 -0.87 23.97 14.29
C ARG A 152 -2.23 23.38 14.62
N GLN A 153 -3.22 23.60 13.77
CA GLN A 153 -4.52 22.95 13.95
C GLN A 153 -4.39 21.44 13.83
N LYS A 154 -3.54 20.97 12.92
CA LYS A 154 -3.35 19.53 12.74
C LYS A 154 -2.84 18.88 14.02
N TYR A 155 -1.88 19.52 14.70
CA TYR A 155 -1.28 18.94 15.89
C TYR A 155 -2.03 19.30 17.17
N GLN A 156 -2.85 20.35 17.16
CA GLN A 156 -3.81 20.54 18.25
C GLN A 156 -4.82 19.41 18.27
N SER A 157 -5.26 18.96 17.08
CA SER A 157 -6.20 17.86 16.99
C SER A 157 -5.57 16.56 17.48
N LYS A 158 -4.31 16.31 17.09
CA LYS A 158 -3.64 15.08 17.50
C LYS A 158 -3.38 15.06 19.00
N ARG A 159 -3.15 16.22 19.60
CA ARG A 159 -2.80 16.26 21.01
C ARG A 159 -3.99 15.99 21.91
N GLN A 160 -5.19 16.37 21.46
CA GLN A 160 -6.38 16.33 22.31
C GLN A 160 -6.71 14.95 22.86
N PRO A 161 -6.77 13.87 22.06
CA PRO A 161 -7.08 12.56 22.65
C PRO A 161 -6.05 12.12 23.67
N ILE A 162 -4.77 12.35 23.40
CA ILE A 162 -3.72 11.94 24.32
C ILE A 162 -3.79 12.77 25.61
N LEU A 163 -4.12 14.05 25.50
CA LEU A 163 -4.22 14.88 26.70
C LEU A 163 -5.39 14.42 27.56
N ASP A 164 -6.53 14.09 26.95
CA ASP A 164 -7.67 13.63 27.71
C ASP A 164 -7.40 12.28 28.37
N ALA A 165 -6.60 11.42 27.74
CA ALA A 165 -6.30 10.12 28.32
C ALA A 165 -5.37 10.24 29.51
N ILE A 166 -4.57 11.31 29.58
CA ILE A 166 -3.63 11.46 30.69
C ILE A 166 -4.38 11.83 31.96
N GLU A 167 -5.44 12.63 31.84
CA GLU A 167 -6.24 13.00 33.01
C GLU A 167 -6.94 11.80 33.61
N ARG B 2 26.93 -4.86 -10.11
CA ARG B 2 25.49 -4.66 -10.00
C ARG B 2 25.10 -4.39 -8.55
N ASP B 3 24.28 -3.36 -8.34
CA ASP B 3 23.89 -2.96 -6.99
C ASP B 3 23.13 -4.09 -6.30
N VAL B 4 23.39 -4.23 -5.00
CA VAL B 4 22.66 -5.21 -4.19
C VAL B 4 21.30 -4.63 -3.84
N VAL B 5 20.25 -5.41 -4.09
CA VAL B 5 18.88 -5.01 -3.80
C VAL B 5 18.45 -5.70 -2.50
N MET B 6 17.88 -4.93 -1.59
CA MET B 6 17.40 -5.43 -0.31
C MET B 6 15.87 -5.43 -0.35
N THR B 7 15.28 -6.61 -0.44
CA THR B 7 13.83 -6.77 -0.48
C THR B 7 13.34 -7.02 0.95
N GLN B 8 12.67 -6.03 1.53
CA GLN B 8 12.19 -6.08 2.90
C GLN B 8 10.68 -6.30 2.94
N THR B 9 10.26 -7.23 3.80
CA THR B 9 8.85 -7.57 3.99
C THR B 9 8.56 -7.73 5.47
N PRO B 10 7.34 -7.41 5.92
CA PRO B 10 6.25 -6.85 5.11
C PRO B 10 6.34 -5.35 4.99
N LEU B 11 5.61 -4.77 4.03
CA LEU B 11 5.61 -3.33 3.85
C LEU B 11 4.92 -2.63 5.02
N THR B 12 3.79 -3.17 5.47
CA THR B 12 3.09 -2.70 6.65
C THR B 12 2.74 -3.87 7.54
N LEU B 13 2.85 -3.68 8.85
CA LEU B 13 2.51 -4.71 9.83
C LEU B 13 1.75 -4.03 10.96
N SER B 14 0.45 -4.34 11.08
CA SER B 14 -0.39 -3.76 12.12
C SER B 14 -0.51 -4.77 13.26
N VAL B 15 -0.11 -4.34 14.46
CA VAL B 15 -0.07 -5.22 15.62
C VAL B 15 -0.79 -4.56 16.79
N SER B 16 -1.18 -5.40 17.74
CA SER B 16 -1.64 -4.96 19.05
C SER B 16 -0.47 -4.97 20.02
N ILE B 17 -0.51 -4.06 21.01
CA ILE B 17 0.60 -3.94 21.95
C ILE B 17 0.72 -5.22 22.76
N GLY B 18 1.95 -5.72 22.88
CA GLY B 18 2.23 -6.98 23.53
C GLY B 18 2.42 -8.15 22.59
N GLN B 19 1.85 -8.07 21.39
CA GLN B 19 1.99 -9.16 20.44
C GLN B 19 3.40 -9.18 19.86
N PRO B 20 3.90 -10.35 19.47
CA PRO B 20 5.21 -10.41 18.82
C PRO B 20 5.14 -9.91 17.39
N ALA B 21 6.31 -9.64 16.83
CA ALA B 21 6.44 -9.17 15.46
C ALA B 21 7.69 -9.76 14.84
N SER B 22 7.69 -9.85 13.51
CA SER B 22 8.83 -10.40 12.78
C SER B 22 8.95 -9.69 11.44
N ILE B 23 10.15 -9.18 11.15
CA ILE B 23 10.43 -8.47 9.92
C ILE B 23 11.54 -9.20 9.18
N SER B 24 11.39 -9.34 7.87
CA SER B 24 12.34 -10.07 7.03
C SER B 24 13.01 -9.14 6.04
N CYS B 25 14.28 -9.42 5.76
CA CYS B 25 15.06 -8.67 4.77
C CYS B 25 15.89 -9.66 3.99
N LYS B 26 15.69 -9.71 2.67
CA LYS B 26 16.37 -10.68 1.81
C LYS B 26 17.22 -9.95 0.79
N SER B 27 18.51 -10.29 0.74
CA SER B 27 19.46 -9.65 -0.16
C SER B 27 19.59 -10.43 -1.45
N SER B 28 19.72 -9.70 -2.56
CA SER B 28 19.95 -10.33 -3.86
C SER B 28 21.36 -10.89 -4.00
N GLN B 29 22.17 -10.77 -2.96
CA GLN B 29 23.57 -11.16 -3.01
C GLN B 29 24.02 -11.48 -1.60
N SER B 30 24.91 -12.46 -1.46
CA SER B 30 25.42 -12.83 -0.15
C SER B 30 26.13 -11.65 0.50
N LEU B 31 25.80 -11.41 1.78
CA LEU B 31 26.35 -10.28 2.51
C LEU B 31 27.60 -10.64 3.31
N LEU B 32 28.20 -11.79 3.04
CA LEU B 32 29.42 -12.18 3.73
C LEU B 32 30.62 -11.47 3.11
N ASP B 33 31.39 -10.77 3.95
CA ASP B 33 32.59 -10.07 3.53
C ASP B 33 33.79 -11.00 3.54
N SER B 34 34.84 -10.60 2.82
CA SER B 34 36.07 -11.39 2.78
C SER B 34 36.75 -11.49 4.13
N ASP B 35 36.47 -10.54 5.04
CA ASP B 35 37.07 -10.57 6.36
C ASP B 35 36.34 -11.47 7.34
N GLY B 36 35.27 -12.14 6.90
CA GLY B 36 34.53 -13.05 7.74
C GLY B 36 33.31 -12.46 8.43
N ARG B 37 33.12 -11.15 8.35
CA ARG B 37 31.98 -10.49 8.98
C ARG B 37 30.88 -10.24 7.96
N THR B 38 29.65 -10.10 8.48
CA THR B 38 28.48 -9.80 7.67
C THR B 38 27.91 -8.47 8.17
N TYR B 39 28.06 -7.43 7.38
CA TYR B 39 27.65 -6.08 7.77
C TYR B 39 26.18 -5.88 7.40
N LEU B 40 25.30 -6.11 8.36
CA LEU B 40 23.86 -5.96 8.18
C LEU B 40 23.30 -5.27 9.42
N ASN B 41 22.72 -4.10 9.23
CA ASN B 41 22.18 -3.32 10.32
C ASN B 41 20.65 -3.24 10.23
N TRP B 42 20.02 -3.11 11.39
CA TRP B 42 18.58 -2.83 11.49
C TRP B 42 18.41 -1.47 12.13
N LEU B 43 17.54 -0.65 11.56
CA LEU B 43 17.26 0.69 12.07
C LEU B 43 15.77 0.85 12.30
N LEU B 44 15.42 1.73 13.24
CA LEU B 44 14.04 2.09 13.52
C LEU B 44 13.94 3.61 13.50
N GLN B 45 13.05 4.14 12.66
CA GLN B 45 12.77 5.57 12.61
C GLN B 45 11.43 5.81 13.28
N ARG B 46 11.46 6.21 14.55
CA ARG B 46 10.25 6.63 15.23
C ARG B 46 9.73 7.93 14.61
N PRO B 47 8.42 8.16 14.64
CA PRO B 47 7.87 9.35 13.97
C PRO B 47 8.47 10.64 14.50
N GLY B 48 8.86 11.51 13.58
CA GLY B 48 9.51 12.76 13.93
C GLY B 48 10.91 12.62 14.46
N GLN B 49 11.54 11.47 14.27
CA GLN B 49 12.88 11.21 14.77
C GLN B 49 13.81 10.84 13.62
N SER B 50 15.10 10.97 13.87
CA SER B 50 16.10 10.44 12.97
C SER B 50 16.12 8.91 13.07
N PRO B 51 16.63 8.22 12.06
CA PRO B 51 16.80 6.76 12.18
C PRO B 51 17.69 6.42 13.36
N LYS B 52 17.39 5.29 13.99
CA LYS B 52 18.11 4.84 15.18
C LYS B 52 18.50 3.39 15.01
N ARG B 53 19.79 3.10 15.18
CA ARG B 53 20.29 1.75 15.00
C ARG B 53 19.85 0.86 16.17
N LEU B 54 19.30 -0.31 15.84
CA LEU B 54 18.95 -1.31 16.83
C LEU B 54 19.88 -2.52 16.83
N ILE B 55 20.35 -2.92 15.66
CA ILE B 55 21.23 -4.08 15.51
C ILE B 55 22.32 -3.74 14.51
N TYR B 56 23.54 -4.21 14.80
CA TYR B 56 24.62 -4.23 13.83
C TYR B 56 25.22 -5.62 13.80
N LEU B 57 25.93 -5.91 12.72
CA LEU B 57 26.58 -7.21 12.52
C LEU B 57 25.59 -8.36 12.74
N VAL B 58 24.42 -8.23 12.11
CA VAL B 58 23.38 -9.25 12.05
C VAL B 58 22.68 -9.43 13.40
N SER B 59 23.45 -9.61 14.48
CA SER B 59 22.87 -10.03 15.75
C SER B 59 23.26 -9.19 16.96
N LYS B 60 24.21 -8.27 16.85
CA LYS B 60 24.65 -7.50 18.01
C LYS B 60 23.64 -6.40 18.33
N LEU B 61 23.15 -6.39 19.57
CA LEU B 61 22.15 -5.42 20.00
C LEU B 61 22.81 -4.10 20.36
N ASP B 62 22.35 -3.02 19.74
CA ASP B 62 22.86 -1.70 20.05
C ASP B 62 22.63 -1.38 21.52
N SER B 63 23.64 -0.78 22.16
CA SER B 63 23.57 -0.48 23.58
C SER B 63 22.48 0.52 23.93
N GLY B 64 21.93 1.23 22.95
CA GLY B 64 20.82 2.14 23.17
C GLY B 64 19.47 1.57 22.78
N ALA B 65 19.38 0.28 22.47
CA ALA B 65 18.15 -0.38 22.07
C ALA B 65 17.71 -1.36 23.15
N PRO B 66 16.39 -1.54 23.35
CA PRO B 66 15.93 -2.44 24.39
C PRO B 66 16.14 -3.91 24.04
N ASP B 67 16.12 -4.74 25.06
CA ASP B 67 16.39 -6.17 24.95
C ASP B 67 15.23 -6.96 24.34
N ARG B 68 14.29 -6.30 23.66
CA ARG B 68 13.17 -6.96 23.03
C ARG B 68 13.37 -7.19 21.54
N PHE B 69 14.53 -6.84 21.00
CA PHE B 69 14.87 -7.05 19.61
C PHE B 69 15.94 -8.12 19.48
N THR B 70 15.76 -9.04 18.54
CA THR B 70 16.73 -10.09 18.26
C THR B 70 16.98 -10.16 16.76
N GLY B 71 18.23 -9.97 16.37
CA GLY B 71 18.63 -10.06 14.97
C GLY B 71 19.25 -11.41 14.67
N SER B 72 18.94 -11.94 13.49
CA SER B 72 19.44 -13.25 13.08
C SER B 72 19.46 -13.31 11.56
N GLY B 73 20.02 -14.40 11.04
CA GLY B 73 20.09 -14.65 9.62
C GLY B 73 21.50 -14.91 9.15
N SER B 74 21.61 -15.17 7.85
CA SER B 74 22.91 -15.46 7.24
C SER B 74 22.78 -15.36 5.73
N GLY B 75 23.89 -14.98 5.09
CA GLY B 75 23.97 -14.96 3.64
C GLY B 75 23.05 -13.96 2.96
N THR B 76 21.86 -14.42 2.58
CA THR B 76 20.91 -13.57 1.88
C THR B 76 19.61 -13.35 2.65
N ASP B 77 19.32 -14.13 3.68
CA ASP B 77 18.06 -14.07 4.41
C ASP B 77 18.33 -13.59 5.83
N PHE B 78 17.71 -12.48 6.21
CA PHE B 78 17.88 -11.90 7.53
C PHE B 78 16.53 -11.55 8.14
N THR B 79 16.46 -11.58 9.46
CA THR B 79 15.20 -11.45 10.18
C THR B 79 15.39 -10.60 11.44
N LEU B 80 14.43 -9.74 11.71
CA LEU B 80 14.35 -8.99 12.96
C LEU B 80 13.05 -9.36 13.67
N LYS B 81 13.15 -9.78 14.92
CA LYS B 81 12.01 -10.19 15.71
C LYS B 81 11.86 -9.30 16.93
N ILE B 82 10.64 -8.86 17.19
CA ILE B 82 10.30 -8.14 18.42
C ILE B 82 9.53 -9.09 19.32
N SER B 83 10.07 -9.34 20.51
CA SER B 83 9.44 -10.29 21.43
C SER B 83 8.04 -9.82 21.83
N ARG B 84 7.89 -8.53 22.13
CA ARG B 84 6.59 -7.95 22.43
C ARG B 84 6.61 -6.50 22.00
N VAL B 85 5.65 -6.11 21.16
CA VAL B 85 5.63 -4.76 20.62
C VAL B 85 5.05 -3.82 21.67
N GLU B 86 5.81 -2.79 22.01
CA GLU B 86 5.37 -1.73 22.92
C GLU B 86 5.27 -0.42 22.16
N ALA B 87 4.84 0.63 22.87
CA ALA B 87 4.66 1.93 22.24
C ALA B 87 5.98 2.45 21.67
N GLU B 88 7.09 2.16 22.34
CA GLU B 88 8.39 2.66 21.89
C GLU B 88 8.78 2.12 20.53
N ASP B 89 8.28 0.94 20.16
CA ASP B 89 8.76 0.22 18.99
C ASP B 89 8.06 0.62 17.70
N LEU B 90 7.01 1.43 17.76
CA LEU B 90 6.27 1.79 16.56
C LEU B 90 7.04 2.79 15.71
N GLY B 91 6.96 2.63 14.40
CA GLY B 91 7.71 3.42 13.46
C GLY B 91 8.02 2.61 12.23
N VAL B 92 8.99 3.09 11.44
CA VAL B 92 9.42 2.43 10.22
C VAL B 92 10.78 1.79 10.46
N TYR B 93 10.89 0.50 10.18
CA TYR B 93 12.14 -0.24 10.31
C TYR B 93 12.80 -0.39 8.95
N TYR B 94 14.13 -0.28 8.93
CA TYR B 94 14.91 -0.46 7.72
C TYR B 94 16.07 -1.40 7.97
N CYS B 95 16.31 -2.31 7.03
CA CYS B 95 17.55 -3.07 7.00
C CYS B 95 18.56 -2.36 6.12
N TRP B 96 19.83 -2.43 6.51
CA TRP B 96 20.90 -1.71 5.83
C TRP B 96 22.12 -2.62 5.72
N GLN B 97 22.52 -2.93 4.49
CA GLN B 97 23.70 -3.75 4.26
C GLN B 97 24.90 -2.84 4.00
N GLY B 98 26.03 -3.14 4.64
CA GLY B 98 27.26 -2.41 4.43
C GLY B 98 28.38 -3.22 3.83
N THR B 99 28.11 -4.43 3.34
CA THR B 99 29.17 -5.28 2.80
C THR B 99 29.57 -4.85 1.39
N HIS B 100 28.61 -4.45 0.57
CA HIS B 100 28.87 -4.06 -0.80
C HIS B 100 28.51 -2.59 -1.03
N PHE B 101 29.26 -1.95 -1.92
CA PHE B 101 28.99 -0.58 -2.34
C PHE B 101 28.27 -0.58 -3.67
N PRO B 102 27.11 0.10 -3.81
CA PRO B 102 26.50 0.96 -2.80
C PRO B 102 25.85 0.21 -1.63
N GLN B 103 26.00 0.75 -0.44
CA GLN B 103 25.43 0.15 0.78
C GLN B 103 23.96 0.54 0.84
N THR B 104 23.10 -0.36 0.39
CA THR B 104 21.70 -0.06 0.12
C THR B 104 20.80 -0.43 1.29
N PHE B 105 19.63 0.21 1.31
CA PHE B 105 18.63 0.03 2.35
C PHE B 105 17.48 -0.86 1.85
N GLY B 106 16.83 -1.52 2.79
CA GLY B 106 15.54 -2.11 2.52
C GLY B 106 14.47 -1.04 2.34
N GLY B 107 13.33 -1.46 1.80
CA GLY B 107 12.26 -0.53 1.49
C GLY B 107 11.50 0.02 2.68
N GLY B 108 11.73 -0.52 3.87
CA GLY B 108 11.06 -0.06 5.06
C GLY B 108 9.86 -0.92 5.43
N THR B 109 9.60 -1.01 6.73
CA THR B 109 8.46 -1.78 7.25
C THR B 109 7.77 -0.93 8.31
N LYS B 110 6.52 -0.56 8.06
CA LYS B 110 5.78 0.31 8.98
C LYS B 110 5.06 -0.55 10.01
N LEU B 111 5.44 -0.39 11.28
CA LEU B 111 4.82 -1.10 12.39
C LEU B 111 3.86 -0.13 13.07
N GLU B 112 2.56 -0.39 12.97
CA GLU B 112 1.54 0.49 13.51
C GLU B 112 0.57 -0.27 14.39
N ILE B 113 -0.31 0.49 15.05
CA ILE B 113 -1.29 -0.05 15.99
C ILE B 113 -2.55 -0.44 15.24
N LYS B 114 -3.16 -1.55 15.64
CA LYS B 114 -4.44 -1.97 15.09
C LYS B 114 -5.56 -1.10 15.64
N PHE B 121 -8.56 3.10 22.37
CA PHE B 121 -7.35 2.30 22.29
C PHE B 121 -6.28 2.89 23.21
N LEU B 122 -6.29 4.22 23.37
CA LEU B 122 -5.44 4.89 24.35
C LEU B 122 -5.81 4.57 25.80
N LYS B 123 -6.97 3.96 26.04
CA LYS B 123 -7.38 3.62 27.40
C LYS B 123 -6.46 2.57 28.02
N SER B 124 -5.82 1.75 27.19
CA SER B 124 -4.92 0.70 27.67
C SER B 124 -3.48 1.18 27.85
N TRP B 125 -3.21 2.47 27.66
CA TRP B 125 -1.84 2.98 27.68
C TRP B 125 -1.50 3.57 29.03
N THR B 126 -0.26 3.32 29.48
CA THR B 126 0.22 3.92 30.71
C THR B 126 0.38 5.43 30.54
N VAL B 127 0.47 6.13 31.67
CA VAL B 127 0.65 7.58 31.64
C VAL B 127 1.96 7.93 30.95
N GLU B 128 3.03 7.19 31.26
CA GLU B 128 4.33 7.48 30.68
C GLU B 128 4.31 7.32 29.17
N ASP B 129 3.66 6.26 28.68
CA ASP B 129 3.59 6.03 27.23
C ASP B 129 2.75 7.09 26.54
N LEU B 130 1.68 7.55 27.20
CA LEU B 130 0.90 8.66 26.65
C LEU B 130 1.72 9.94 26.60
N GLN B 131 2.53 10.19 27.63
CA GLN B 131 3.36 11.38 27.66
C GLN B 131 4.41 11.35 26.54
N LYS B 132 5.07 10.21 26.36
CA LYS B 132 6.05 10.08 25.29
C LYS B 132 5.43 10.29 23.93
N ARG B 133 4.23 9.75 23.72
CA ARG B 133 3.52 9.97 22.46
C ARG B 133 3.21 11.46 22.27
N LEU B 134 2.86 12.14 23.36
CA LEU B 134 2.62 13.58 23.28
C LEU B 134 3.91 14.34 22.96
N LEU B 135 5.01 13.95 23.59
CA LEU B 135 6.27 14.67 23.41
C LEU B 135 6.78 14.54 21.97
N ALA B 136 6.57 13.38 21.35
CA ALA B 136 7.08 13.15 19.99
C ALA B 136 6.39 14.02 18.95
N LEU B 137 5.23 14.59 19.27
CA LEU B 137 4.53 15.43 18.31
C LEU B 137 5.26 16.74 18.05
N ASP B 138 6.00 17.25 19.04
CA ASP B 138 6.66 18.54 18.89
C ASP B 138 7.68 18.54 17.74
N PRO B 139 8.62 17.60 17.65
CA PRO B 139 9.54 17.64 16.50
C PRO B 139 8.84 17.47 15.16
N MET B 140 7.78 16.66 15.10
CA MET B 140 7.02 16.52 13.86
C MET B 140 6.43 17.85 13.40
N MET B 141 5.89 18.64 14.33
CA MET B 141 5.26 19.90 13.94
C MET B 141 6.29 20.90 13.38
N GLU B 142 7.42 21.05 14.07
CA GLU B 142 8.40 22.04 13.64
C GLU B 142 9.04 21.66 12.30
N GLN B 143 9.11 20.37 11.99
CA GLN B 143 9.68 19.95 10.71
C GLN B 143 8.73 20.28 9.56
N GLU B 144 7.42 20.09 9.77
CA GLU B 144 6.44 20.50 8.76
C GLU B 144 6.46 22.01 8.56
N ILE B 145 6.69 22.77 9.63
CA ILE B 145 6.76 24.22 9.51
C ILE B 145 7.99 24.64 8.73
N GLU B 146 9.13 23.97 8.96
CA GLU B 146 10.36 24.33 8.26
C GLU B 146 10.24 24.04 6.77
N GLU B 147 9.55 22.96 6.39
CA GLU B 147 9.35 22.66 4.99
C GLU B 147 8.46 23.68 4.30
N ILE B 148 7.50 24.25 5.04
CA ILE B 148 6.66 25.29 4.46
C ILE B 148 7.43 26.58 4.28
N ARG B 149 8.28 26.92 5.26
CA ARG B 149 9.09 28.12 5.15
C ARG B 149 10.05 28.04 3.96
N GLN B 150 10.65 26.86 3.74
CA GLN B 150 11.50 26.69 2.57
C GLN B 150 10.69 26.75 1.28
N LYS B 151 9.47 26.21 1.31
CA LYS B 151 8.61 26.23 0.13
C LYS B 151 8.32 27.66 -0.31
N TYR B 152 7.99 28.53 0.63
CA TYR B 152 7.68 29.91 0.29
C TYR B 152 8.93 30.75 0.06
N GLN B 153 10.08 30.30 0.54
CA GLN B 153 11.34 30.89 0.10
C GLN B 153 11.52 30.71 -1.41
N CYS B 154 11.15 29.53 -1.91
CA CYS B 154 11.24 29.28 -3.35
C CYS B 154 10.29 30.17 -4.14
N LYS B 155 9.06 30.36 -3.63
CA LYS B 155 8.07 31.13 -4.37
C LYS B 155 8.42 32.62 -4.39
N ARG B 156 9.09 33.11 -3.35
CA ARG B 156 9.43 34.53 -3.29
C ARG B 156 10.58 34.87 -4.23
N GLN B 157 11.56 33.97 -4.37
CA GLN B 157 12.82 34.25 -5.07
C GLN B 157 12.68 34.93 -6.42
N PRO B 158 11.87 34.44 -7.37
CA PRO B 158 11.76 35.15 -8.66
C PRO B 158 11.20 36.54 -8.53
N ILE B 159 10.28 36.76 -7.59
CA ILE B 159 9.71 38.10 -7.41
C ILE B 159 10.72 39.02 -6.76
N LEU B 160 11.47 38.52 -5.78
CA LEU B 160 12.49 39.33 -5.12
C LEU B 160 13.58 39.74 -6.10
N ASP B 161 13.99 38.82 -6.97
CA ASP B 161 15.03 39.15 -7.94
C ASP B 161 14.53 40.14 -9.00
N ALA B 162 13.26 40.06 -9.37
CA ALA B 162 12.71 41.01 -10.32
C ALA B 162 12.61 42.41 -9.73
N ILE B 163 12.37 42.51 -8.42
CA ILE B 163 12.32 43.82 -7.76
C ILE B 163 13.72 44.43 -7.69
N GLU B 164 14.70 43.64 -7.25
CA GLU B 164 16.06 44.14 -7.15
C GLU B 164 16.62 44.57 -8.50
N ALA B 165 16.23 43.88 -9.57
CA ALA B 165 16.69 44.22 -10.91
C ALA B 165 16.14 45.55 -11.40
N LYS B 166 15.15 46.12 -10.71
CA LYS B 166 14.60 47.43 -11.08
C LYS B 166 15.25 48.58 -10.32
N GLY B 167 16.22 48.29 -9.45
CA GLY B 167 16.91 49.35 -8.74
C GLY B 167 17.77 50.19 -9.66
N THR B 168 18.07 51.40 -9.22
CA THR B 168 18.83 52.36 -10.00
C THR B 168 20.18 52.71 -9.38
N LEU B 169 20.58 52.01 -8.32
CA LEU B 169 21.88 52.23 -7.70
C LEU B 169 22.90 51.24 -8.24
N LEU B 170 24.18 51.62 -8.16
CA LEU B 170 25.24 50.81 -8.74
C LEU B 170 25.50 49.56 -7.92
N GLY B 171 25.27 49.60 -6.61
CA GLY B 171 25.55 48.47 -5.74
C GLY B 171 24.44 47.44 -5.69
N MET C 1 37.68 -4.21 16.39
CA MET C 1 36.81 -5.04 15.58
C MET C 1 35.77 -4.15 14.89
N PRO C 2 35.88 -4.04 13.57
CA PRO C 2 34.99 -3.14 12.81
C PRO C 2 33.55 -3.64 12.82
N ILE C 3 32.63 -2.71 13.02
CA ILE C 3 31.20 -3.00 12.97
C ILE C 3 30.54 -2.42 11.73
N TRP C 4 31.31 -1.79 10.85
CA TRP C 4 30.80 -1.28 9.58
C TRP C 4 31.93 -1.30 8.57
N LYS C 5 31.69 -0.71 7.40
CA LYS C 5 32.64 -0.77 6.29
C LYS C 5 32.66 0.57 5.56
N PHE C 6 33.85 1.04 5.23
CA PHE C 6 34.07 2.31 4.55
C PHE C 6 35.04 2.11 3.41
N PRO C 7 35.05 3.01 2.42
CA PRO C 7 35.84 2.75 1.20
C PRO C 7 37.33 2.62 1.50
N ASP C 8 37.97 1.73 0.75
CA ASP C 8 39.41 1.55 0.87
C ASP C 8 40.13 2.58 0.00
N ARG D 2 -35.38 -10.76 6.58
CA ARG D 2 -34.65 -9.54 6.94
C ARG D 2 -34.24 -8.78 5.69
N GLU D 3 -33.60 -7.62 5.89
CA GLU D 3 -33.12 -6.77 4.80
C GLU D 3 -31.64 -6.46 5.01
N VAL D 4 -30.83 -7.52 5.05
CA VAL D 4 -29.39 -7.35 5.20
C VAL D 4 -28.81 -6.79 3.90
N GLN D 5 -27.86 -5.86 4.05
CA GLN D 5 -27.27 -5.23 2.87
C GLN D 5 -25.82 -4.85 3.16
N LEU D 6 -24.97 -5.04 2.15
CA LEU D 6 -23.60 -4.54 2.14
C LEU D 6 -23.38 -3.83 0.83
N VAL D 7 -22.79 -2.63 0.88
CA VAL D 7 -22.54 -1.85 -0.33
C VAL D 7 -21.07 -1.44 -0.33
N GLU D 8 -20.32 -1.93 -1.30
CA GLU D 8 -18.91 -1.60 -1.45
C GLU D 8 -18.75 -0.34 -2.28
N SER D 9 -17.66 0.38 -2.03
CA SER D 9 -17.33 1.58 -2.78
C SER D 9 -15.83 1.82 -2.68
N GLY D 10 -15.35 2.76 -3.48
CA GLY D 10 -13.95 3.12 -3.52
C GLY D 10 -13.17 2.54 -4.68
N GLY D 11 -13.74 1.60 -5.42
CA GLY D 11 -13.02 0.98 -6.51
C GLY D 11 -12.78 1.93 -7.67
N GLY D 12 -11.63 1.79 -8.29
CA GLY D 12 -11.29 2.62 -9.44
C GLY D 12 -9.95 2.24 -10.00
N LEU D 13 -9.37 3.14 -10.79
CA LEU D 13 -8.05 2.91 -11.35
C LEU D 13 -6.98 3.20 -10.30
N VAL D 14 -5.84 2.54 -10.45
CA VAL D 14 -4.70 2.74 -9.54
C VAL D 14 -3.45 2.25 -10.25
N GLN D 15 -2.37 3.01 -10.09
CA GLN D 15 -1.11 2.65 -10.71
C GLN D 15 -0.44 1.52 -9.94
N PRO D 16 0.40 0.72 -10.61
CA PRO D 16 1.19 -0.28 -9.88
C PRO D 16 2.11 0.39 -8.87
N GLY D 17 2.18 -0.20 -7.68
CA GLY D 17 2.89 0.39 -6.57
C GLY D 17 2.13 1.47 -5.83
N GLY D 18 0.95 1.85 -6.31
CA GLY D 18 0.16 2.89 -5.68
C GLY D 18 -0.70 2.35 -4.55
N SER D 19 -1.63 3.20 -4.12
CA SER D 19 -2.50 2.89 -2.99
C SER D 19 -3.96 3.15 -3.37
N LEU D 20 -4.86 2.50 -2.64
CA LEU D 20 -6.30 2.68 -2.79
C LEU D 20 -6.99 2.05 -1.60
N LYS D 21 -8.10 2.64 -1.19
CA LYS D 21 -8.85 2.20 -0.02
C LYS D 21 -10.28 1.90 -0.42
N LEU D 22 -10.74 0.69 -0.13
CA LEU D 22 -12.12 0.29 -0.31
C LEU D 22 -12.88 0.37 1.02
N SER D 23 -14.20 0.51 0.91
CA SER D 23 -15.06 0.53 2.08
C SER D 23 -16.34 -0.24 1.76
N CYS D 24 -17.01 -0.68 2.82
CA CYS D 24 -18.22 -1.49 2.70
C CYS D 24 -19.17 -1.09 3.81
N ALA D 25 -20.32 -0.53 3.43
CA ALA D 25 -21.30 -0.06 4.41
C ALA D 25 -22.32 -1.14 4.67
N ALA D 26 -22.55 -1.43 5.95
CA ALA D 26 -23.45 -2.50 6.38
C ALA D 26 -24.72 -1.92 6.97
N SER D 27 -25.84 -2.59 6.73
CA SER D 27 -27.13 -2.18 7.28
C SER D 27 -28.04 -3.40 7.37
N GLY D 28 -29.01 -3.34 8.27
CA GLY D 28 -29.97 -4.40 8.47
C GLY D 28 -29.60 -5.42 9.52
N PHE D 29 -28.41 -5.30 10.12
CA PHE D 29 -27.99 -6.23 11.17
C PHE D 29 -26.94 -5.53 12.01
N THR D 30 -26.69 -6.09 13.20
CA THR D 30 -25.68 -5.54 14.09
C THR D 30 -24.31 -5.91 13.53
N PHE D 31 -23.69 -4.94 12.86
CA PHE D 31 -22.42 -5.18 12.16
C PHE D 31 -21.34 -5.68 13.12
N SER D 32 -21.27 -5.09 14.32
CA SER D 32 -20.21 -5.39 15.28
C SER D 32 -20.31 -6.78 15.90
N ASN D 33 -21.30 -7.58 15.54
CA ASN D 33 -21.46 -8.91 16.11
C ASN D 33 -20.84 -10.01 15.25
N TYR D 34 -20.37 -9.69 14.05
CA TYR D 34 -19.96 -10.70 13.08
C TYR D 34 -18.59 -10.37 12.51
N GLY D 35 -17.85 -11.42 12.17
CA GLY D 35 -16.65 -11.24 11.37
C GLY D 35 -16.98 -10.89 9.94
N MET D 36 -16.01 -10.27 9.27
CA MET D 36 -16.18 -9.81 7.91
C MET D 36 -15.00 -10.27 7.06
N SER D 37 -15.23 -10.34 5.75
CA SER D 37 -14.24 -10.83 4.82
C SER D 37 -14.30 -10.05 3.51
N TRP D 38 -13.15 -9.92 2.87
CA TRP D 38 -13.04 -9.39 1.52
C TRP D 38 -12.71 -10.54 0.58
N VAL D 39 -13.52 -10.74 -0.45
CA VAL D 39 -13.32 -11.78 -1.45
C VAL D 39 -13.31 -11.13 -2.81
N ARG D 40 -12.26 -11.38 -3.60
CA ARG D 40 -12.14 -10.80 -4.93
C ARG D 40 -12.33 -11.86 -6.00
N GLN D 41 -12.82 -11.42 -7.16
CA GLN D 41 -13.04 -12.27 -8.33
C GLN D 41 -12.24 -11.68 -9.49
N THR D 42 -11.21 -12.41 -9.91
CA THR D 42 -10.32 -11.97 -10.97
C THR D 42 -10.98 -12.22 -12.33
N PRO D 43 -10.41 -11.66 -13.41
CA PRO D 43 -10.98 -11.92 -14.76
C PRO D 43 -11.19 -13.39 -15.08
N ASP D 44 -10.37 -14.29 -14.54
CA ASP D 44 -10.53 -15.71 -14.83
C ASP D 44 -11.68 -16.36 -14.07
N ARG D 45 -12.49 -15.58 -13.37
CA ARG D 45 -13.69 -15.95 -12.62
C ARG D 45 -13.36 -16.59 -11.27
N ARG D 46 -12.11 -16.97 -11.01
CA ARG D 46 -11.77 -17.57 -9.73
C ARG D 46 -11.98 -16.59 -8.59
N LEU D 47 -12.34 -17.13 -7.42
CA LEU D 47 -12.54 -16.36 -6.21
C LEU D 47 -11.37 -16.60 -5.25
N GLU D 48 -10.98 -15.55 -4.53
CA GLU D 48 -9.91 -15.66 -3.54
C GLU D 48 -10.21 -14.75 -2.37
N LEU D 49 -10.17 -15.30 -1.16
CA LEU D 49 -10.23 -14.48 0.03
C LEU D 49 -8.99 -13.63 0.13
N VAL D 50 -9.19 -12.33 0.33
CA VAL D 50 -8.11 -11.36 0.35
C VAL D 50 -7.78 -10.92 1.77
N ALA D 51 -8.79 -10.76 2.62
CA ALA D 51 -8.58 -10.41 4.01
C ALA D 51 -9.80 -10.83 4.80
N THR D 52 -9.59 -11.07 6.09
CA THR D 52 -10.68 -11.42 6.98
C THR D 52 -10.39 -10.85 8.36
N ILE D 53 -11.45 -10.58 9.11
CA ILE D 53 -11.34 -9.91 10.41
C ILE D 53 -12.43 -10.46 11.32
N ASN D 54 -12.12 -10.58 12.61
CA ASN D 54 -13.12 -11.00 13.57
C ASN D 54 -14.02 -9.82 13.93
N ASN D 55 -15.02 -10.09 14.77
CA ASN D 55 -16.09 -9.12 14.99
C ASN D 55 -15.59 -7.86 15.70
N ASN D 56 -14.61 -7.99 16.60
CA ASN D 56 -14.12 -6.83 17.33
C ASN D 56 -12.90 -6.19 16.69
N GLY D 57 -12.34 -6.78 15.65
CA GLY D 57 -11.23 -6.19 14.92
C GLY D 57 -9.85 -6.53 15.44
N GLY D 58 -9.74 -7.34 16.50
CA GLY D 58 -8.43 -7.67 17.02
C GLY D 58 -7.72 -8.76 16.25
N GLY D 59 -8.47 -9.65 15.60
CA GLY D 59 -7.91 -10.75 14.85
C GLY D 59 -8.13 -10.56 13.35
N THR D 60 -7.04 -10.66 12.60
CA THR D 60 -7.08 -10.51 11.15
C THR D 60 -6.20 -11.58 10.52
N TYR D 61 -6.52 -11.93 9.27
CA TYR D 61 -5.71 -12.86 8.50
C TYR D 61 -5.64 -12.41 7.05
N TYR D 62 -4.48 -12.61 6.44
CA TYR D 62 -4.26 -12.35 5.02
C TYR D 62 -3.52 -13.53 4.40
N PRO D 63 -3.86 -13.90 3.17
CA PRO D 63 -3.06 -14.90 2.46
C PRO D 63 -1.70 -14.34 2.09
N ASP D 64 -0.78 -15.25 1.76
CA ASP D 64 0.58 -14.86 1.43
C ASP D 64 0.63 -13.92 0.22
N SER D 65 -0.37 -14.01 -0.66
CA SER D 65 -0.35 -13.20 -1.88
C SER D 65 -0.46 -11.71 -1.59
N VAL D 66 -1.17 -11.33 -0.53
CA VAL D 66 -1.39 -9.92 -0.21
C VAL D 66 -0.88 -9.54 1.18
N LYS D 67 -0.42 -10.51 1.98
CA LYS D 67 0.01 -10.22 3.35
C LYS D 67 1.11 -9.17 3.36
N GLY D 68 0.97 -8.17 4.22
CA GLY D 68 1.87 -7.06 4.27
C GLY D 68 1.58 -5.95 3.30
N ARG D 69 0.80 -6.21 2.25
CA ARG D 69 0.40 -5.19 1.29
C ARG D 69 -0.99 -4.64 1.56
N PHE D 70 -1.88 -5.43 2.15
CA PHE D 70 -3.25 -5.04 2.41
C PHE D 70 -3.49 -4.96 3.91
N THR D 71 -4.46 -4.13 4.31
CA THR D 71 -4.83 -3.98 5.71
C THR D 71 -6.35 -3.90 5.80
N ILE D 72 -6.95 -4.85 6.51
CA ILE D 72 -8.39 -4.85 6.75
C ILE D 72 -8.66 -4.24 8.12
N SER D 73 -9.67 -3.37 8.19
CA SER D 73 -10.04 -2.72 9.42
C SER D 73 -11.55 -2.49 9.42
N ARG D 74 -12.07 -2.00 10.54
CA ARG D 74 -13.50 -1.78 10.65
C ARG D 74 -13.76 -0.72 11.73
N ASP D 75 -14.83 0.03 11.53
CA ASP D 75 -15.30 1.03 12.49
C ASP D 75 -16.69 0.58 12.92
N ASN D 76 -16.75 -0.17 14.02
CA ASN D 76 -18.01 -0.81 14.42
C ASN D 76 -19.08 0.22 14.77
N ALA D 77 -18.67 1.41 15.23
CA ALA D 77 -19.65 2.44 15.55
C ALA D 77 -20.27 3.06 14.30
N LYS D 78 -19.66 2.87 13.13
CA LYS D 78 -20.19 3.43 11.89
C LYS D 78 -20.59 2.36 10.89
N ASN D 79 -20.55 1.08 11.28
CA ASN D 79 -21.02 -0.03 10.44
C ASN D 79 -20.29 -0.06 9.10
N THR D 80 -18.97 0.07 9.15
CA THR D 80 -18.17 0.15 7.93
C THR D 80 -16.93 -0.73 8.05
N LEU D 81 -16.69 -1.52 7.01
CA LEU D 81 -15.49 -2.33 6.87
C LEU D 81 -14.60 -1.72 5.78
N TYR D 82 -13.31 -1.63 6.06
CA TYR D 82 -12.35 -1.02 5.14
C TYR D 82 -11.34 -2.05 4.67
N LEU D 83 -10.79 -1.81 3.48
CA LEU D 83 -9.65 -2.56 2.95
C LEU D 83 -8.68 -1.55 2.33
N GLN D 84 -7.63 -1.21 3.07
CA GLN D 84 -6.60 -0.33 2.55
C GLN D 84 -5.59 -1.15 1.76
N MET D 85 -5.51 -0.89 0.46
CA MET D 85 -4.60 -1.61 -0.43
C MET D 85 -3.36 -0.76 -0.69
N SER D 86 -2.19 -1.39 -0.61
CA SER D 86 -0.92 -0.72 -0.80
C SER D 86 -0.04 -1.53 -1.75
N SER D 87 0.81 -0.82 -2.48
CA SER D 87 1.79 -1.41 -3.39
C SER D 87 1.13 -2.41 -4.33
N LEU D 88 0.14 -1.91 -5.08
CA LEU D 88 -0.69 -2.78 -5.90
C LEU D 88 0.10 -3.34 -7.08
N LYS D 89 -0.26 -4.54 -7.49
CA LYS D 89 0.29 -5.21 -8.65
C LYS D 89 -0.82 -5.51 -9.64
N SER D 90 -0.43 -5.97 -10.83
CA SER D 90 -1.43 -6.31 -11.84
C SER D 90 -2.33 -7.45 -11.39
N GLU D 91 -1.85 -8.31 -10.49
CA GLU D 91 -2.65 -9.42 -10.00
C GLU D 91 -3.80 -8.98 -9.11
N ASP D 92 -3.81 -7.73 -8.66
CA ASP D 92 -4.87 -7.22 -7.79
C ASP D 92 -6.07 -6.67 -8.57
N THR D 93 -6.00 -6.62 -9.89
CA THR D 93 -7.14 -6.20 -10.70
C THR D 93 -8.23 -7.26 -10.59
N ALA D 94 -9.35 -6.90 -9.96
CA ALA D 94 -10.43 -7.83 -9.73
C ALA D 94 -11.65 -7.07 -9.24
N MET D 95 -12.78 -7.77 -9.19
CA MET D 95 -13.97 -7.29 -8.52
C MET D 95 -13.90 -7.70 -7.05
N TYR D 96 -14.05 -6.73 -6.15
CA TYR D 96 -13.85 -6.95 -4.72
C TYR D 96 -15.20 -6.95 -4.02
N TYR D 97 -15.52 -8.07 -3.37
CA TYR D 97 -16.79 -8.26 -2.67
C TYR D 97 -16.61 -8.13 -1.17
N CYS D 98 -17.68 -7.68 -0.50
CA CYS D 98 -17.77 -7.62 0.95
C CYS D 98 -18.79 -8.65 1.40
N THR D 99 -18.39 -9.54 2.30
CA THR D 99 -19.23 -10.65 2.70
C THR D 99 -19.12 -10.90 4.20
N SER D 100 -20.19 -11.47 4.76
CA SER D 100 -20.25 -11.85 6.18
C SER D 100 -20.67 -13.31 6.25
N PRO D 101 -19.74 -14.24 6.00
CA PRO D 101 -20.14 -15.66 5.91
C PRO D 101 -20.61 -16.26 7.22
N GLY D 102 -20.37 -15.61 8.36
CA GLY D 102 -20.84 -16.13 9.63
C GLY D 102 -22.27 -15.78 9.98
N LEU D 103 -22.92 -14.94 9.17
CA LEU D 103 -24.30 -14.55 9.38
C LEU D 103 -25.24 -15.55 8.70
N LEU D 104 -26.29 -15.95 9.42
CA LEU D 104 -27.21 -16.95 8.90
C LEU D 104 -28.02 -16.44 7.72
N TRP D 105 -28.09 -15.13 7.52
CA TRP D 105 -28.74 -14.56 6.35
C TRP D 105 -27.67 -14.20 5.32
N ASP D 106 -27.93 -14.55 4.06
CA ASP D 106 -26.94 -14.37 3.01
C ASP D 106 -26.61 -12.90 2.84
N ALA D 107 -25.32 -12.57 2.89
CA ALA D 107 -24.86 -11.18 2.86
C ALA D 107 -23.64 -11.08 1.96
N TRP D 108 -23.86 -10.71 0.71
CA TRP D 108 -22.81 -10.31 -0.21
C TRP D 108 -23.14 -8.94 -0.76
N GLY D 109 -22.12 -8.11 -0.95
CA GLY D 109 -22.31 -6.83 -1.59
C GLY D 109 -22.41 -6.97 -3.10
N ALA D 110 -22.67 -5.85 -3.75
CA ALA D 110 -22.70 -5.83 -5.21
C ALA D 110 -21.31 -5.86 -5.82
N GLY D 111 -20.28 -5.54 -5.03
CA GLY D 111 -18.92 -5.54 -5.52
C GLY D 111 -18.51 -4.19 -6.08
N THR D 112 -17.19 -3.96 -6.09
CA THR D 112 -16.62 -2.75 -6.65
C THR D 112 -15.39 -3.14 -7.47
N THR D 113 -15.22 -2.48 -8.61
CA THR D 113 -14.19 -2.85 -9.58
C THR D 113 -12.92 -2.05 -9.36
N VAL D 114 -11.80 -2.75 -9.26
CA VAL D 114 -10.48 -2.15 -9.12
C VAL D 114 -9.63 -2.56 -10.33
N THR D 115 -9.03 -1.57 -10.99
CA THR D 115 -8.23 -1.80 -12.18
C THR D 115 -6.84 -1.24 -11.95
N VAL D 116 -5.83 -2.11 -12.00
CA VAL D 116 -4.44 -1.68 -11.88
C VAL D 116 -3.91 -1.38 -13.28
N CYS D 117 -3.46 -0.15 -13.50
CA CYS D 117 -3.00 0.27 -14.81
C CYS D 117 -1.72 -0.46 -15.20
N SER D 118 -1.34 -0.31 -16.46
CA SER D 118 -0.13 -0.94 -16.95
C SER D 118 1.10 -0.30 -16.33
N GLY D 119 2.09 -1.14 -16.02
CA GLY D 119 3.34 -0.64 -15.48
C GLY D 119 4.36 -0.37 -16.56
N SER D 120 3.90 0.11 -17.71
CA SER D 120 4.77 0.35 -18.84
C SER D 120 5.59 1.62 -18.63
N ASP D 121 6.70 1.71 -19.35
CA ASP D 121 7.53 2.91 -19.32
C ASP D 121 6.90 3.97 -20.22
N TYR D 122 6.49 5.09 -19.62
CA TYR D 122 5.89 6.20 -20.36
C TYR D 122 6.78 7.44 -20.36
N GLU D 123 8.07 7.26 -20.08
CA GLU D 123 9.01 8.37 -20.13
C GLU D 123 9.18 8.92 -21.55
N PHE D 124 8.81 8.13 -22.56
CA PHE D 124 8.87 8.62 -23.93
C PHE D 124 7.89 9.77 -24.16
N LEU D 125 6.84 9.85 -23.34
CA LEU D 125 5.86 10.92 -23.49
C LEU D 125 6.40 12.27 -23.02
N LYS D 126 7.45 12.28 -22.20
CA LYS D 126 7.92 13.54 -21.62
C LYS D 126 8.49 14.49 -22.68
N SER D 127 9.03 13.96 -23.77
CA SER D 127 9.62 14.79 -24.80
C SER D 127 8.62 15.24 -25.86
N TRP D 128 7.34 14.90 -25.70
CA TRP D 128 6.31 15.23 -26.67
C TRP D 128 5.78 16.64 -26.46
N THR D 129 5.31 17.25 -27.54
CA THR D 129 4.61 18.52 -27.42
C THR D 129 3.22 18.30 -26.84
N VAL D 130 2.64 19.38 -26.31
CA VAL D 130 1.28 19.31 -25.78
C VAL D 130 0.31 18.95 -26.88
N GLU D 131 0.55 19.42 -28.11
CA GLU D 131 -0.33 19.11 -29.22
C GLU D 131 -0.28 17.64 -29.58
N ASP D 132 0.91 17.02 -29.52
CA ASP D 132 1.02 15.60 -29.83
C ASP D 132 0.53 14.72 -28.69
N LEU D 133 0.67 15.17 -27.45
CA LEU D 133 0.10 14.45 -26.33
C LEU D 133 -1.42 14.48 -26.38
N GLN D 134 -1.99 15.66 -26.65
CA GLN D 134 -3.44 15.77 -26.71
C GLN D 134 -4.01 15.05 -27.92
N LYS D 135 -3.23 14.93 -29.00
CA LYS D 135 -3.66 14.12 -30.15
C LYS D 135 -3.74 12.66 -29.77
N ARG D 136 -2.78 12.17 -28.97
CA ARG D 136 -2.85 10.80 -28.46
C ARG D 136 -4.03 10.64 -27.52
N LEU D 137 -4.30 11.65 -26.69
CA LEU D 137 -5.43 11.60 -25.78
C LEU D 137 -6.75 11.50 -26.55
N LEU D 138 -6.86 12.22 -27.66
CA LEU D 138 -8.11 12.22 -28.42
C LEU D 138 -8.29 10.94 -29.22
N ALA D 139 -7.18 10.29 -29.59
CA ALA D 139 -7.28 9.05 -30.37
C ALA D 139 -7.94 7.94 -29.56
N LEU D 140 -7.86 8.00 -28.22
CA LEU D 140 -8.48 6.99 -27.39
C LEU D 140 -10.00 7.11 -27.35
N ASP D 141 -10.54 8.29 -27.67
CA ASP D 141 -12.00 8.47 -27.58
C ASP D 141 -12.75 7.61 -28.59
N PRO D 142 -12.45 7.63 -29.89
CA PRO D 142 -13.16 6.72 -30.81
C PRO D 142 -12.88 5.25 -30.52
N MET D 143 -11.74 4.94 -29.89
CA MET D 143 -11.44 3.55 -29.55
C MET D 143 -12.35 3.05 -28.44
N MET D 144 -12.51 3.83 -27.37
CA MET D 144 -13.41 3.44 -26.29
C MET D 144 -14.85 3.38 -26.78
N GLU D 145 -15.27 4.36 -27.58
CA GLU D 145 -16.64 4.39 -28.06
C GLU D 145 -16.94 3.18 -28.95
N GLN D 146 -15.95 2.73 -29.72
CA GLN D 146 -16.15 1.53 -30.53
C GLN D 146 -16.24 0.29 -29.66
N GLU D 147 -15.45 0.23 -28.59
CA GLU D 147 -15.50 -0.93 -27.70
C GLU D 147 -16.83 -0.99 -26.95
N ILE D 148 -17.36 0.17 -26.56
CA ILE D 148 -18.66 0.20 -25.90
C ILE D 148 -19.77 -0.18 -26.89
N GLU D 149 -19.66 0.31 -28.13
CA GLU D 149 -20.61 -0.08 -29.17
C GLU D 149 -20.60 -1.59 -29.38
N GLU D 150 -19.42 -2.21 -29.27
CA GLU D 150 -19.33 -3.66 -29.41
C GLU D 150 -20.07 -4.37 -28.29
N ILE D 151 -20.04 -3.82 -27.08
CA ILE D 151 -20.75 -4.43 -25.96
C ILE D 151 -22.25 -4.36 -26.18
N ARG D 152 -22.75 -3.21 -26.64
CA ARG D 152 -24.18 -3.07 -26.88
C ARG D 152 -24.64 -4.01 -27.99
N GLN D 153 -23.84 -4.17 -29.04
CA GLN D 153 -24.18 -5.10 -30.11
C GLN D 153 -24.12 -6.54 -29.62
N LYS D 154 -23.14 -6.86 -28.76
CA LYS D 154 -23.03 -8.21 -28.23
C LYS D 154 -24.27 -8.59 -27.43
N TYR D 155 -24.82 -7.65 -26.65
CA TYR D 155 -25.97 -7.95 -25.81
C TYR D 155 -27.29 -7.85 -26.55
N GLN D 156 -27.34 -7.12 -27.66
CA GLN D 156 -28.52 -7.20 -28.52
C GLN D 156 -28.60 -8.55 -29.23
N SER D 157 -27.44 -9.13 -29.56
CA SER D 157 -27.43 -10.48 -30.12
C SER D 157 -27.91 -11.49 -29.08
N LYS D 158 -27.52 -11.31 -27.82
CA LYS D 158 -27.98 -12.19 -26.77
C LYS D 158 -29.47 -12.02 -26.50
N ARG D 159 -29.98 -10.80 -26.66
CA ARG D 159 -31.39 -10.56 -26.37
C ARG D 159 -32.31 -11.17 -27.42
N GLN D 160 -31.84 -11.27 -28.67
CA GLN D 160 -32.75 -11.56 -29.78
C GLN D 160 -33.44 -12.92 -29.67
N PRO D 161 -32.74 -14.03 -29.39
CA PRO D 161 -33.47 -15.31 -29.27
C PRO D 161 -34.45 -15.34 -28.12
N ILE D 162 -34.22 -14.56 -27.07
CA ILE D 162 -35.17 -14.52 -25.96
C ILE D 162 -36.38 -13.68 -26.33
N LEU D 163 -36.17 -12.53 -26.98
CA LEU D 163 -37.28 -11.73 -27.47
C LEU D 163 -38.11 -12.49 -28.49
N ASP D 164 -37.45 -13.29 -29.34
CA ASP D 164 -38.19 -14.10 -30.31
C ASP D 164 -39.05 -15.13 -29.61
N ALA D 165 -38.55 -15.71 -28.52
CA ALA D 165 -39.32 -16.73 -27.81
C ALA D 165 -40.51 -16.14 -27.07
N ILE D 166 -40.37 -14.91 -26.56
CA ILE D 166 -41.49 -14.28 -25.86
C ILE D 166 -42.62 -13.96 -26.83
N GLU D 167 -42.29 -13.62 -28.07
CA GLU D 167 -43.29 -13.30 -29.09
C GLU D 167 -44.28 -14.43 -29.31
N ASP E 3 -1.27 -25.01 2.16
CA ASP E 3 -2.54 -24.50 1.68
C ASP E 3 -3.46 -25.63 1.25
N VAL E 4 -4.72 -25.57 1.68
CA VAL E 4 -5.71 -26.57 1.30
C VAL E 4 -6.18 -26.27 -0.12
N VAL E 5 -6.14 -27.30 -0.97
CA VAL E 5 -6.57 -27.19 -2.36
C VAL E 5 -7.94 -27.82 -2.50
N MET E 6 -8.90 -27.06 -3.03
CA MET E 6 -10.24 -27.57 -3.31
C MET E 6 -10.34 -27.84 -4.80
N THR E 7 -10.50 -29.11 -5.16
CA THR E 7 -10.59 -29.54 -6.55
C THR E 7 -12.06 -29.79 -6.88
N GLN E 8 -12.60 -29.00 -7.81
CA GLN E 8 -14.02 -29.03 -8.14
C GLN E 8 -14.22 -29.55 -9.56
N THR E 9 -15.17 -30.46 -9.72
CA THR E 9 -15.50 -31.09 -11.00
C THR E 9 -17.01 -31.23 -11.14
N PRO E 10 -17.56 -31.09 -12.36
CA PRO E 10 -16.84 -30.72 -13.58
C PRO E 10 -16.71 -29.21 -13.73
N LEU E 11 -15.92 -28.75 -14.69
CA LEU E 11 -15.74 -27.31 -14.88
C LEU E 11 -17.00 -26.68 -15.48
N THR E 12 -17.59 -27.32 -16.47
CA THR E 12 -18.87 -26.91 -17.03
C THR E 12 -19.78 -28.12 -17.15
N LEU E 13 -21.08 -27.89 -16.93
CA LEU E 13 -22.07 -28.97 -16.96
C LEU E 13 -23.29 -28.47 -17.71
N SER E 14 -23.48 -28.96 -18.94
CA SER E 14 -24.62 -28.58 -19.77
C SER E 14 -25.74 -29.58 -19.56
N VAL E 15 -26.90 -29.10 -19.11
CA VAL E 15 -28.05 -29.93 -18.81
C VAL E 15 -29.26 -29.38 -19.55
N SER E 16 -30.36 -30.13 -19.49
CA SER E 16 -31.66 -29.67 -19.94
C SER E 16 -32.53 -29.40 -18.72
N ILE E 17 -33.51 -28.50 -18.88
CA ILE E 17 -34.37 -28.14 -17.76
C ILE E 17 -35.10 -29.37 -17.24
N GLY E 18 -35.14 -29.52 -15.91
CA GLY E 18 -35.82 -30.62 -15.28
C GLY E 18 -34.94 -31.82 -14.98
N GLN E 19 -33.71 -31.86 -15.50
CA GLN E 19 -32.87 -33.03 -15.28
C GLN E 19 -31.95 -32.81 -14.08
N PRO E 20 -31.59 -33.88 -13.37
CA PRO E 20 -30.76 -33.74 -12.16
C PRO E 20 -29.36 -33.26 -12.51
N ALA E 21 -28.62 -32.91 -11.45
CA ALA E 21 -27.25 -32.44 -11.59
C ALA E 21 -26.50 -32.72 -10.29
N SER E 22 -25.22 -33.09 -10.42
CA SER E 22 -24.39 -33.37 -9.26
C SER E 22 -23.02 -32.72 -9.47
N ILE E 23 -22.52 -32.04 -8.45
CA ILE E 23 -21.23 -31.36 -8.51
C ILE E 23 -20.35 -31.92 -7.40
N SER E 24 -19.05 -32.04 -7.68
CA SER E 24 -18.10 -32.61 -6.74
C SER E 24 -17.09 -31.56 -6.29
N CYS E 25 -16.64 -31.69 -5.04
CA CYS E 25 -15.59 -30.84 -4.49
C CYS E 25 -14.77 -31.67 -3.52
N LYS E 26 -13.48 -31.86 -3.83
CA LYS E 26 -12.57 -32.66 -3.02
C LYS E 26 -11.49 -31.76 -2.45
N SER E 27 -11.21 -31.91 -1.15
CA SER E 27 -10.22 -31.12 -0.44
C SER E 27 -8.93 -31.93 -0.28
N SER E 28 -7.79 -31.27 -0.51
CA SER E 28 -6.49 -31.91 -0.31
C SER E 28 -6.22 -32.27 1.15
N GLN E 29 -7.08 -31.82 2.07
CA GLN E 29 -6.90 -32.04 3.50
C GLN E 29 -8.27 -32.07 4.15
N SER E 30 -8.43 -32.91 5.16
CA SER E 30 -9.72 -33.05 5.82
C SER E 30 -10.22 -31.71 6.36
N LEU E 31 -11.49 -31.44 6.15
CA LEU E 31 -12.12 -30.20 6.60
C LEU E 31 -12.78 -30.32 7.97
N LEU E 32 -12.58 -31.45 8.65
CA LEU E 32 -13.08 -31.61 10.01
C LEU E 32 -12.25 -30.75 10.96
N ASP E 33 -12.90 -29.77 11.59
CA ASP E 33 -12.21 -28.84 12.46
C ASP E 33 -12.06 -29.40 13.87
N SER E 34 -11.15 -28.80 14.64
CA SER E 34 -10.89 -29.23 16.00
C SER E 34 -12.12 -29.15 16.89
N ASP E 35 -13.09 -28.30 16.55
CA ASP E 35 -14.32 -28.16 17.32
C ASP E 35 -15.42 -29.12 16.87
N GLY E 36 -15.10 -30.04 15.96
CA GLY E 36 -16.06 -31.03 15.52
C GLY E 36 -16.89 -30.64 14.31
N ARG E 37 -16.79 -29.40 13.85
CA ARG E 37 -17.56 -28.92 12.71
C ARG E 37 -16.74 -29.04 11.43
N THR E 38 -17.46 -29.10 10.31
CA THR E 38 -16.86 -29.11 8.97
C THR E 38 -17.38 -27.89 8.23
N TYR E 39 -16.52 -26.89 8.05
CA TYR E 39 -16.90 -25.61 7.44
C TYR E 39 -16.70 -25.72 5.94
N LEU E 40 -17.74 -26.19 5.24
CA LEU E 40 -17.74 -26.30 3.79
C LEU E 40 -19.02 -25.67 3.27
N ASN E 41 -18.88 -24.60 2.49
CA ASN E 41 -20.02 -23.89 1.94
C ASN E 41 -20.09 -24.08 0.44
N TRP E 42 -21.32 -24.03 -0.09
CA TRP E 42 -21.56 -24.03 -1.52
C TRP E 42 -22.21 -22.71 -1.90
N LEU E 43 -21.68 -22.06 -2.93
CA LEU E 43 -22.21 -20.79 -3.42
C LEU E 43 -22.67 -20.94 -4.87
N LEU E 44 -23.60 -20.07 -5.27
CA LEU E 44 -24.03 -19.98 -6.65
C LEU E 44 -23.95 -18.52 -7.09
N GLN E 45 -23.25 -18.28 -8.20
CA GLN E 45 -23.19 -16.95 -8.80
C GLN E 45 -24.04 -17.00 -10.07
N ARG E 46 -25.24 -16.44 -9.98
CA ARG E 46 -26.09 -16.33 -11.15
C ARG E 46 -25.55 -15.25 -12.08
N PRO E 47 -25.85 -15.35 -13.39
CA PRO E 47 -25.30 -14.38 -14.36
C PRO E 47 -25.57 -12.92 -13.98
N GLY E 48 -24.50 -12.15 -13.83
CA GLY E 48 -24.59 -10.74 -13.50
C GLY E 48 -24.78 -10.43 -12.03
N GLN E 49 -24.82 -11.44 -11.17
CA GLN E 49 -25.08 -11.25 -9.75
C GLN E 49 -23.86 -11.63 -8.94
N SER E 50 -23.88 -11.24 -7.67
CA SER E 50 -22.84 -11.62 -6.73
C SER E 50 -23.04 -13.08 -6.30
N PRO E 51 -21.99 -13.71 -5.77
CA PRO E 51 -22.16 -15.07 -5.24
C PRO E 51 -23.22 -15.12 -4.15
N LYS E 52 -24.00 -16.20 -4.15
CA LYS E 52 -25.08 -16.39 -3.19
C LYS E 52 -24.91 -17.74 -2.52
N ARG E 53 -24.91 -17.73 -1.18
CA ARG E 53 -24.73 -18.97 -0.44
C ARG E 53 -25.98 -19.84 -0.53
N LEU E 54 -25.79 -21.12 -0.84
CA LEU E 54 -26.85 -22.11 -0.81
C LEU E 54 -26.72 -23.10 0.34
N ILE E 55 -25.49 -23.50 0.67
CA ILE E 55 -25.23 -24.52 1.68
C ILE E 55 -24.14 -24.02 2.61
N TYR E 56 -24.32 -24.28 3.91
CA TYR E 56 -23.26 -24.09 4.90
C TYR E 56 -23.19 -25.34 5.76
N LEU E 57 -22.02 -25.54 6.38
CA LEU E 57 -21.73 -26.73 7.19
C LEU E 57 -22.11 -28.01 6.44
N VAL E 58 -21.62 -28.11 5.20
CA VAL E 58 -21.71 -29.30 4.36
C VAL E 58 -23.14 -29.55 3.88
N SER E 59 -24.11 -29.56 4.80
CA SER E 59 -25.44 -30.04 4.47
C SER E 59 -26.59 -29.13 4.87
N LYS E 60 -26.32 -27.98 5.50
CA LYS E 60 -27.39 -27.10 5.94
C LYS E 60 -27.80 -26.17 4.81
N LEU E 61 -29.10 -26.12 4.53
CA LEU E 61 -29.62 -25.30 3.45
C LEU E 61 -29.86 -23.87 3.93
N ASP E 62 -29.26 -22.92 3.23
CA ASP E 62 -29.48 -21.51 3.55
C ASP E 62 -30.95 -21.17 3.35
N SER E 63 -31.48 -20.32 4.25
CA SER E 63 -32.92 -20.08 4.28
C SER E 63 -33.43 -19.43 3.00
N GLY E 64 -32.59 -18.69 2.30
CA GLY E 64 -32.99 -18.05 1.06
C GLY E 64 -32.68 -18.87 -0.17
N ALA E 65 -32.45 -20.17 0.01
CA ALA E 65 -32.08 -21.06 -1.08
C ALA E 65 -33.21 -22.06 -1.39
N PRO E 66 -33.36 -22.45 -2.66
CA PRO E 66 -34.39 -23.42 -3.01
C PRO E 66 -34.15 -24.79 -2.41
N ASP E 67 -35.24 -25.51 -2.16
CA ASP E 67 -35.18 -26.85 -1.56
C ASP E 67 -34.66 -27.90 -2.53
N ARG E 68 -34.37 -27.55 -3.78
CA ARG E 68 -33.89 -28.51 -4.76
C ARG E 68 -32.42 -28.83 -4.61
N PHE E 69 -31.74 -28.21 -3.64
CA PHE E 69 -30.31 -28.41 -3.44
C PHE E 69 -30.07 -29.28 -2.22
N THR E 70 -29.15 -30.23 -2.35
CA THR E 70 -28.76 -31.11 -1.25
C THR E 70 -27.24 -31.16 -1.20
N GLY E 71 -26.66 -30.74 -0.09
CA GLY E 71 -25.23 -30.85 0.15
C GLY E 71 -24.94 -32.05 1.03
N SER E 72 -23.86 -32.75 0.74
CA SER E 72 -23.50 -33.97 1.45
C SER E 72 -21.99 -34.17 1.36
N GLY E 73 -21.52 -35.21 2.04
CA GLY E 73 -20.11 -35.56 2.06
C GLY E 73 -19.53 -35.42 3.46
N SER E 74 -18.27 -35.86 3.56
CA SER E 74 -17.53 -35.77 4.81
C SER E 74 -16.06 -36.01 4.50
N GLY E 75 -15.20 -35.55 5.41
CA GLY E 75 -13.77 -35.74 5.27
C GLY E 75 -13.18 -34.89 4.15
N THR E 76 -12.90 -35.50 3.01
CA THR E 76 -12.31 -34.79 1.89
C THR E 76 -13.17 -34.75 0.64
N ASP E 77 -14.29 -35.48 0.60
CA ASP E 77 -15.15 -35.52 -0.58
C ASP E 77 -16.51 -34.94 -0.24
N PHE E 78 -16.98 -34.01 -1.07
CA PHE E 78 -18.23 -33.30 -0.83
C PHE E 78 -18.97 -33.16 -2.14
N THR E 79 -20.30 -33.22 -2.06
CA THR E 79 -21.13 -33.25 -3.26
C THR E 79 -22.33 -32.34 -3.08
N LEU E 80 -22.63 -31.56 -4.13
CA LEU E 80 -23.84 -30.76 -4.20
C LEU E 80 -24.75 -31.36 -5.28
N LYS E 81 -25.99 -31.65 -4.91
CA LYS E 81 -26.95 -32.29 -5.81
C LYS E 81 -28.14 -31.37 -6.02
N ILE E 82 -28.59 -31.29 -7.27
CA ILE E 82 -29.80 -30.56 -7.64
C ILE E 82 -30.83 -31.57 -8.10
N SER E 83 -31.96 -31.64 -7.40
CA SER E 83 -33.00 -32.62 -7.72
C SER E 83 -33.49 -32.44 -9.16
N ARG E 84 -33.91 -31.23 -9.50
CA ARG E 84 -34.23 -30.88 -10.89
C ARG E 84 -33.66 -29.50 -11.16
N VAL E 85 -33.02 -29.34 -12.31
CA VAL E 85 -32.39 -28.07 -12.67
C VAL E 85 -33.45 -27.17 -13.29
N GLU E 86 -33.55 -25.95 -12.76
CA GLU E 86 -34.48 -24.95 -13.27
C GLU E 86 -33.69 -23.68 -13.62
N ALA E 87 -34.34 -22.80 -14.38
CA ALA E 87 -33.65 -21.63 -14.92
C ALA E 87 -33.02 -20.77 -13.81
N GLU E 88 -33.60 -20.78 -12.62
CA GLU E 88 -33.01 -20.06 -11.49
C GLU E 88 -31.66 -20.62 -11.09
N ASP E 89 -31.39 -21.89 -11.39
CA ASP E 89 -30.18 -22.56 -10.93
C ASP E 89 -29.00 -22.39 -11.88
N LEU E 90 -29.22 -21.88 -13.08
CA LEU E 90 -28.12 -21.71 -14.03
C LEU E 90 -27.14 -20.66 -13.53
N GLY E 91 -25.87 -20.93 -13.69
CA GLY E 91 -24.81 -20.07 -13.19
C GLY E 91 -23.59 -20.91 -12.84
N VAL E 92 -22.69 -20.30 -12.07
CA VAL E 92 -21.44 -20.93 -11.67
C VAL E 92 -21.50 -21.22 -10.18
N TYR E 93 -21.20 -22.47 -9.82
CA TYR E 93 -21.22 -22.91 -8.43
C TYR E 93 -19.80 -23.00 -7.88
N TYR E 94 -19.62 -22.59 -6.63
CA TYR E 94 -18.32 -22.65 -5.97
C TYR E 94 -18.46 -23.36 -4.63
N CYS E 95 -17.47 -24.19 -4.30
CA CYS E 95 -17.31 -24.67 -2.93
C CYS E 95 -16.26 -23.82 -2.22
N TRP E 96 -16.39 -23.73 -0.90
CA TRP E 96 -15.56 -22.81 -0.12
C TRP E 96 -15.35 -23.43 1.26
N GLN E 97 -14.11 -23.78 1.56
CA GLN E 97 -13.77 -24.34 2.87
C GLN E 97 -13.35 -23.21 3.81
N GLY E 98 -13.81 -23.28 5.05
CA GLY E 98 -13.48 -22.27 6.03
C GLY E 98 -12.77 -22.83 7.25
N THR E 99 -12.48 -24.13 7.21
CA THR E 99 -11.82 -24.78 8.34
C THR E 99 -10.36 -24.34 8.45
N HIS E 100 -9.67 -24.24 7.31
CA HIS E 100 -8.25 -23.94 7.29
C HIS E 100 -8.01 -22.58 6.64
N PHE E 101 -7.01 -21.85 7.15
CA PHE E 101 -6.56 -20.58 6.60
C PHE E 101 -5.31 -20.81 5.76
N PRO E 102 -5.25 -20.35 4.50
CA PRO E 102 -6.27 -19.54 3.81
C PRO E 102 -7.53 -20.33 3.44
N GLN E 103 -8.69 -19.73 3.70
CA GLN E 103 -9.98 -20.35 3.41
C GLN E 103 -10.19 -20.28 1.90
N THR E 104 -9.98 -21.40 1.22
CA THR E 104 -9.83 -21.44 -0.23
C THR E 104 -11.11 -21.87 -0.93
N PHE E 105 -11.24 -21.45 -2.18
CA PHE E 105 -12.39 -21.76 -3.03
C PHE E 105 -12.05 -22.87 -4.01
N GLY E 106 -13.09 -23.57 -4.47
CA GLY E 106 -12.97 -24.39 -5.65
C GLY E 106 -12.98 -23.55 -6.91
N GLY E 107 -12.62 -24.18 -8.02
CA GLY E 107 -12.49 -23.47 -9.29
C GLY E 107 -13.79 -23.10 -9.96
N GLY E 108 -14.91 -23.59 -9.47
CA GLY E 108 -16.20 -23.23 -10.04
C GLY E 108 -16.71 -24.29 -11.00
N THR E 109 -18.03 -24.40 -11.07
CA THR E 109 -18.72 -25.29 -12.01
C THR E 109 -19.82 -24.50 -12.69
N LYS E 110 -19.67 -24.28 -13.99
CA LYS E 110 -20.64 -23.50 -14.76
C LYS E 110 -21.78 -24.40 -15.22
N LEU E 111 -22.99 -24.12 -14.74
CA LEU E 111 -24.19 -24.83 -15.15
C LEU E 111 -24.88 -24.02 -16.23
N GLU E 112 -25.11 -24.65 -17.38
CA GLU E 112 -25.69 -23.96 -18.53
C GLU E 112 -26.56 -24.94 -19.31
N ILE E 113 -27.18 -24.43 -20.37
CA ILE E 113 -28.05 -25.23 -21.22
C ILE E 113 -27.44 -25.35 -22.61
N TYR E 119 -31.27 -22.21 -30.58
CA TYR E 119 -31.88 -21.57 -29.43
C TYR E 119 -33.38 -21.80 -29.40
N GLU E 120 -33.80 -22.97 -29.91
CA GLU E 120 -35.22 -23.33 -29.93
C GLU E 120 -35.70 -23.85 -28.59
N PHE E 121 -34.78 -24.21 -27.68
CA PHE E 121 -35.19 -24.61 -26.33
C PHE E 121 -35.87 -23.46 -25.59
N LEU E 122 -35.66 -22.22 -26.02
CA LEU E 122 -36.22 -21.08 -25.32
C LEU E 122 -37.74 -21.02 -25.42
N LYS E 123 -38.31 -21.44 -26.56
CA LYS E 123 -39.76 -21.38 -26.71
C LYS E 123 -40.49 -22.45 -25.90
N SER E 124 -39.76 -23.28 -25.15
CA SER E 124 -40.37 -24.23 -24.23
C SER E 124 -40.41 -23.68 -22.80
N TRP E 125 -39.92 -22.47 -22.58
CA TRP E 125 -39.95 -21.85 -21.26
C TRP E 125 -41.22 -21.06 -21.06
N THR E 126 -41.56 -20.82 -19.79
CA THR E 126 -42.60 -19.86 -19.47
C THR E 126 -42.13 -18.45 -19.82
N VAL E 127 -43.10 -17.58 -20.10
CA VAL E 127 -42.77 -16.20 -20.43
C VAL E 127 -42.05 -15.53 -19.26
N GLU E 128 -42.51 -15.82 -18.04
CA GLU E 128 -41.89 -15.22 -16.85
C GLU E 128 -40.42 -15.59 -16.75
N ASP E 129 -40.09 -16.87 -17.00
CA ASP E 129 -38.70 -17.28 -16.98
C ASP E 129 -37.90 -16.61 -18.09
N LEU E 130 -38.51 -16.43 -19.26
CA LEU E 130 -37.84 -15.74 -20.35
C LEU E 130 -37.62 -14.27 -20.03
N GLN E 131 -38.59 -13.64 -19.36
CA GLN E 131 -38.43 -12.25 -18.97
C GLN E 131 -37.29 -12.08 -17.97
N LYS E 132 -37.17 -13.01 -17.02
CA LYS E 132 -36.08 -12.94 -16.05
C LYS E 132 -34.72 -13.06 -16.72
N ARG E 133 -34.59 -14.02 -17.65
CA ARG E 133 -33.34 -14.19 -18.37
C ARG E 133 -32.98 -12.93 -19.15
N LEU E 134 -33.99 -12.29 -19.75
CA LEU E 134 -33.77 -11.02 -20.45
C LEU E 134 -33.32 -9.95 -19.47
N LEU E 135 -33.97 -9.86 -18.31
CA LEU E 135 -33.70 -8.78 -17.37
C LEU E 135 -32.32 -8.92 -16.75
N ALA E 136 -31.85 -10.16 -16.52
CA ALA E 136 -30.54 -10.37 -15.95
C ALA E 136 -29.41 -9.95 -16.88
N LEU E 137 -29.70 -9.74 -18.16
CA LEU E 137 -28.66 -9.27 -19.08
C LEU E 137 -28.28 -7.83 -18.83
N ASP E 138 -29.23 -7.03 -18.33
CA ASP E 138 -28.94 -5.61 -18.09
C ASP E 138 -27.79 -5.38 -17.12
N PRO E 139 -27.74 -6.02 -15.93
CA PRO E 139 -26.59 -5.77 -15.05
C PRO E 139 -25.26 -6.19 -15.65
N MET E 140 -25.23 -7.26 -16.45
CA MET E 140 -23.98 -7.71 -17.05
C MET E 140 -23.43 -6.67 -18.03
N MET E 141 -24.30 -6.06 -18.83
CA MET E 141 -23.82 -5.11 -19.82
C MET E 141 -23.20 -3.88 -19.16
N GLU E 142 -23.89 -3.29 -18.18
CA GLU E 142 -23.34 -2.14 -17.47
C GLU E 142 -22.04 -2.50 -16.77
N GLN E 143 -21.93 -3.74 -16.28
CA GLN E 143 -20.69 -4.21 -15.68
C GLN E 143 -19.56 -4.21 -16.71
N GLU E 144 -19.84 -4.75 -17.90
CA GLU E 144 -18.81 -4.84 -18.93
C GLU E 144 -18.47 -3.47 -19.51
N ILE E 145 -19.42 -2.52 -19.47
CA ILE E 145 -19.12 -1.17 -19.91
C ILE E 145 -18.22 -0.47 -18.89
N GLU E 146 -18.51 -0.65 -17.61
CA GLU E 146 -17.72 0.01 -16.56
C GLU E 146 -16.26 -0.46 -16.59
N GLU E 147 -16.04 -1.74 -16.88
CA GLU E 147 -14.67 -2.25 -16.97
C GLU E 147 -13.93 -1.61 -18.13
N ILE E 148 -14.62 -1.36 -19.24
CA ILE E 148 -14.02 -0.65 -20.36
C ILE E 148 -13.71 0.80 -19.97
N ARG E 149 -14.64 1.44 -19.25
CA ARG E 149 -14.42 2.81 -18.78
C ARG E 149 -13.15 2.90 -17.94
N GLN E 150 -13.00 1.99 -16.98
CA GLN E 150 -11.82 2.01 -16.11
C GLN E 150 -10.55 1.71 -16.89
N LYS E 151 -10.62 0.85 -17.91
CA LYS E 151 -9.44 0.53 -18.70
C LYS E 151 -8.94 1.74 -19.47
N TYR E 152 -9.85 2.51 -20.07
CA TYR E 152 -9.44 3.68 -20.82
C TYR E 152 -9.07 4.84 -19.91
N GLN E 153 -9.61 4.86 -18.70
CA GLN E 153 -9.10 5.79 -17.69
C GLN E 153 -7.63 5.51 -17.39
N CYS E 154 -7.26 4.22 -17.35
CA CYS E 154 -5.87 3.87 -17.12
C CYS E 154 -4.98 4.31 -18.28
N LYS E 155 -5.48 4.19 -19.52
CA LYS E 155 -4.69 4.57 -20.69
C LYS E 155 -4.50 6.08 -20.80
N ARG E 156 -5.40 6.87 -20.22
CA ARG E 156 -5.29 8.32 -20.32
C ARG E 156 -4.30 8.90 -19.32
N GLN E 157 -4.20 8.30 -18.12
CA GLN E 157 -3.45 8.89 -17.02
C GLN E 157 -2.01 9.26 -17.37
N PRO E 158 -1.20 8.41 -18.01
CA PRO E 158 0.17 8.84 -18.35
C PRO E 158 0.21 10.01 -19.30
N ILE E 159 -0.77 10.14 -20.19
CA ILE E 159 -0.83 11.29 -21.08
C ILE E 159 -1.26 12.53 -20.32
N LEU E 160 -2.27 12.39 -19.45
CA LEU E 160 -2.69 13.50 -18.61
C LEU E 160 -1.55 13.98 -17.71
N ASP E 161 -0.76 13.03 -17.20
CA ASP E 161 0.37 13.40 -16.33
C ASP E 161 1.45 14.13 -17.11
N ALA E 162 1.75 13.66 -18.33
CA ALA E 162 2.75 14.34 -19.14
C ALA E 162 2.30 15.74 -19.54
N ILE E 163 1.01 15.91 -19.80
CA ILE E 163 0.49 17.23 -20.15
C ILE E 163 0.61 18.18 -18.96
N GLU E 164 0.22 17.72 -17.77
CA GLU E 164 0.23 18.57 -16.59
C GLU E 164 1.65 18.98 -16.23
N ALA E 165 2.63 18.08 -16.45
CA ALA E 165 4.02 18.41 -16.14
C ALA E 165 4.53 19.57 -16.97
N LYS E 166 4.03 19.71 -18.20
CA LYS E 166 4.44 20.80 -19.08
C LYS E 166 4.15 22.17 -18.49
N MET F 1 -24.41 -21.69 17.62
CA MET F 1 -23.08 -22.18 17.29
C MET F 1 -22.62 -21.56 15.97
N PRO F 2 -21.30 -21.46 15.76
CA PRO F 2 -20.81 -20.79 14.55
C PRO F 2 -21.07 -21.61 13.29
N ILE F 3 -21.26 -20.90 12.18
CA ILE F 3 -21.39 -21.51 10.86
C ILE F 3 -20.21 -21.17 9.97
N TRP F 4 -19.19 -20.50 10.51
CA TRP F 4 -17.99 -20.14 9.78
C TRP F 4 -16.87 -19.93 10.80
N LYS F 5 -15.71 -19.48 10.32
CA LYS F 5 -14.53 -19.35 11.16
C LYS F 5 -13.83 -18.04 10.87
N PHE F 6 -13.38 -17.36 11.92
CA PHE F 6 -12.68 -16.09 11.84
C PHE F 6 -11.48 -16.13 12.76
N PRO F 7 -10.49 -15.25 12.55
CA PRO F 7 -9.31 -15.25 13.43
C PRO F 7 -9.69 -15.00 14.88
N ASP F 8 -8.88 -15.57 15.77
CA ASP F 8 -9.15 -15.48 17.21
C ASP F 8 -9.01 -14.05 17.72
#